data_9DMZ
#
_entry.id   9DMZ
#
_cell.length_a   1.00
_cell.length_b   1.00
_cell.length_c   1.00
_cell.angle_alpha   90.00
_cell.angle_beta   90.00
_cell.angle_gamma   90.00
#
_symmetry.space_group_name_H-M   'P 1'
#
loop_
_entity.id
_entity.type
_entity.pdbx_description
1 polymer 'Major prion protein'
2 non-polymer 2-acetamido-2-deoxy-beta-D-glucopyranose
#
_entity_poly.entity_id   1
_entity_poly.type   'polypeptide(L)'
_entity_poly.pdbx_seq_one_letter_code
;MVKSHIGSWILVLFVAMWSDVGLCKKRPKPGGGWNTGGSRYPGQGSPGGNRYPPQGGGGWGQPHGGGWGQPHGGGWGQPH
GGGWGQPHGGGGWGQGGTHSQWNKPSKPKTNMKHVAGAAAAGAVVGGLGGYMLGSAMSRPLIHFGNDYEDRYYRENMYRY
PNQVYYRPVDQYNNQNTFVHDCVNITVKQHTVTTTTKGENFTETDIKMMERVVEQMCITQYQRESQAYYQRGASVILFSS
PPVILLISFLIFLIVG
;
_entity_poly.pdbx_strand_id   A,B,C,D,E
#
loop_
_chem_comp.id
_chem_comp.type
_chem_comp.name
_chem_comp.formula
NAG D-saccharide, beta linking 2-acetamido-2-deoxy-beta-D-glucopyranose 'C8 H15 N O6'
#
# COMPACT_ATOMS: atom_id res chain seq x y z
N GLY A 92 -36.18 -10.77 33.49
CA GLY A 92 -35.06 -10.15 34.17
C GLY A 92 -33.75 -10.83 33.90
N TRP A 93 -33.43 -11.01 32.62
CA TRP A 93 -32.20 -11.66 32.21
C TRP A 93 -31.06 -10.65 32.15
N GLY A 94 -29.88 -11.12 31.76
CA GLY A 94 -28.72 -10.24 31.66
C GLY A 94 -27.62 -10.79 30.77
N GLN A 95 -27.10 -9.94 29.88
CA GLN A 95 -26.00 -10.29 29.01
C GLN A 95 -24.76 -9.50 29.43
N GLY A 96 -23.67 -10.21 29.66
CA GLY A 96 -22.45 -9.55 30.10
C GLY A 96 -21.86 -8.65 29.03
N GLY A 97 -21.18 -7.60 29.48
CA GLY A 97 -20.57 -6.68 28.55
C GLY A 97 -19.46 -7.34 27.74
N THR A 98 -19.34 -6.92 26.49
CA THR A 98 -18.38 -7.49 25.56
C THR A 98 -17.18 -6.56 25.44
N HIS A 99 -16.00 -7.07 25.80
CA HIS A 99 -14.73 -6.37 25.61
C HIS A 99 -13.90 -7.21 24.65
N SER A 100 -14.12 -7.00 23.36
CA SER A 100 -13.54 -7.82 22.31
C SER A 100 -12.78 -6.95 21.32
N GLN A 101 -11.64 -7.45 20.85
CA GLN A 101 -10.81 -6.72 19.91
C GLN A 101 -10.54 -7.58 18.69
N TRP A 102 -10.83 -7.06 17.50
CA TRP A 102 -10.50 -7.78 16.28
C TRP A 102 -8.99 -7.93 16.12
N ASN A 103 -8.22 -7.00 16.69
CA ASN A 103 -6.76 -7.09 16.66
C ASN A 103 -6.24 -6.32 17.87
N LYS A 104 -5.62 -7.03 18.81
CA LYS A 104 -5.09 -6.44 20.04
C LYS A 104 -3.63 -6.84 20.19
N PRO A 105 -2.73 -6.22 19.44
CA PRO A 105 -1.30 -6.49 19.63
C PRO A 105 -0.68 -5.59 20.67
N SER A 106 0.00 -6.17 21.65
CA SER A 106 0.62 -5.41 22.73
C SER A 106 2.11 -5.27 22.49
N LYS A 107 2.59 -4.03 22.49
CA LYS A 107 3.99 -3.70 22.28
C LYS A 107 4.61 -4.40 21.05
N PRO A 108 4.07 -4.16 19.84
CA PRO A 108 4.68 -4.73 18.63
C PRO A 108 5.90 -3.92 18.18
N LYS A 109 7.08 -4.48 18.43
CA LYS A 109 8.34 -3.88 18.00
C LYS A 109 8.77 -4.56 16.71
N THR A 110 8.72 -3.84 15.60
CA THR A 110 8.93 -4.42 14.28
C THR A 110 9.87 -3.55 13.46
N ASN A 111 10.76 -4.20 12.71
CA ASN A 111 11.64 -3.52 11.77
C ASN A 111 11.46 -4.17 10.40
N MET A 112 11.10 -3.36 9.41
CA MET A 112 10.87 -3.85 8.06
C MET A 112 11.24 -2.76 7.06
N LYS A 113 11.12 -3.06 5.77
CA LYS A 113 11.42 -2.09 4.72
C LYS A 113 10.18 -1.72 3.90
N HIS A 114 9.49 -2.69 3.31
CA HIS A 114 8.40 -2.41 2.40
C HIS A 114 7.13 -3.13 2.84
N VAL A 115 6.03 -2.40 2.91
CA VAL A 115 4.72 -2.97 3.20
C VAL A 115 3.82 -2.58 2.02
N ALA A 116 3.72 -3.47 1.03
CA ALA A 116 2.95 -3.21 -0.18
C ALA A 116 1.77 -4.16 -0.23
N GLY A 117 0.56 -3.60 -0.25
CA GLY A 117 -0.64 -4.41 -0.38
C GLY A 117 -0.81 -5.45 0.70
N ALA A 118 -0.43 -5.12 1.93
CA ALA A 118 -0.35 -6.10 3.00
C ALA A 118 -0.81 -5.43 4.30
N ALA A 119 -0.58 -6.13 5.42
CA ALA A 119 -0.85 -5.60 6.74
C ALA A 119 0.32 -5.94 7.64
N ALA A 120 0.71 -4.99 8.48
CA ALA A 120 1.86 -5.17 9.34
C ALA A 120 1.76 -4.24 10.54
N ALA A 121 2.56 -4.53 11.56
CA ALA A 121 2.63 -3.73 12.79
C ALA A 121 1.26 -3.59 13.44
N GLY A 122 0.51 -4.69 13.48
CA GLY A 122 -0.79 -4.70 14.14
C GLY A 122 -1.82 -3.80 13.50
N ALA A 123 -1.93 -3.87 12.18
CA ALA A 123 -2.87 -3.04 11.43
C ALA A 123 -3.90 -3.91 10.73
N VAL A 124 -5.13 -3.42 10.66
CA VAL A 124 -6.24 -4.15 10.06
C VAL A 124 -6.60 -3.47 8.74
N VAL A 125 -6.62 -4.24 7.66
CA VAL A 125 -6.96 -3.71 6.33
C VAL A 125 -8.46 -3.89 6.18
N GLY A 126 -9.22 -2.94 6.72
CA GLY A 126 -10.64 -2.85 6.43
C GLY A 126 -11.55 -3.74 7.26
N GLY A 127 -12.55 -3.12 7.88
CA GLY A 127 -13.66 -3.84 8.46
C GLY A 127 -14.90 -3.65 7.61
N LEU A 128 -15.31 -4.70 6.89
CA LEU A 128 -16.30 -4.58 5.82
C LEU A 128 -15.84 -3.55 4.79
N GLY A 129 -14.55 -3.54 4.50
CA GLY A 129 -13.97 -2.60 3.57
C GLY A 129 -12.51 -2.88 3.30
N GLY A 130 -11.74 -1.84 2.98
CA GLY A 130 -10.34 -2.00 2.66
C GLY A 130 -10.02 -1.53 1.26
N TYR A 131 -9.62 -2.45 0.39
CA TYR A 131 -9.34 -2.16 -1.01
C TYR A 131 -10.36 -2.95 -1.84
N MET A 132 -11.53 -2.36 -2.03
CA MET A 132 -12.66 -3.02 -2.70
C MET A 132 -13.09 -2.14 -3.86
N LEU A 133 -12.44 -2.32 -5.01
CA LEU A 133 -12.66 -1.43 -6.15
C LEU A 133 -14.12 -1.47 -6.60
N GLY A 134 -14.64 -2.66 -6.86
CA GLY A 134 -16.04 -2.79 -7.25
C GLY A 134 -16.85 -3.56 -6.24
N SER A 135 -17.74 -2.88 -5.52
CA SER A 135 -18.52 -3.51 -4.46
C SER A 135 -19.95 -3.00 -4.50
N ALA A 136 -20.86 -3.81 -3.97
CA ALA A 136 -22.27 -3.46 -3.86
C ALA A 136 -22.83 -4.21 -2.66
N MET A 137 -23.08 -3.50 -1.56
CA MET A 137 -23.53 -4.10 -0.33
C MET A 137 -24.87 -3.50 0.09
N SER A 138 -25.87 -4.37 0.29
CA SER A 138 -27.20 -3.94 0.70
C SER A 138 -27.33 -4.06 2.21
N ARG A 139 -27.79 -2.99 2.85
CA ARG A 139 -27.95 -2.91 4.30
C ARG A 139 -26.67 -3.34 5.05
N PRO A 140 -25.54 -2.67 4.83
CA PRO A 140 -24.34 -2.97 5.60
C PRO A 140 -24.35 -2.22 6.93
N LEU A 141 -24.33 -2.96 8.04
CA LEU A 141 -24.51 -2.37 9.36
C LEU A 141 -23.35 -2.76 10.26
N ILE A 142 -22.78 -1.76 10.93
CA ILE A 142 -21.76 -1.96 11.96
C ILE A 142 -22.18 -1.18 13.19
N HIS A 143 -22.41 -1.87 14.30
CA HIS A 143 -22.75 -1.20 15.55
C HIS A 143 -22.09 -1.92 16.72
N PHE A 144 -21.14 -1.26 17.37
CA PHE A 144 -20.46 -1.85 18.51
C PHE A 144 -21.38 -1.97 19.72
N GLY A 145 -22.43 -1.16 19.81
CA GLY A 145 -23.32 -1.20 20.94
C GLY A 145 -24.20 -2.44 20.94
N ASN A 146 -24.89 -2.64 22.06
CA ASN A 146 -25.79 -3.77 22.20
C ASN A 146 -26.99 -3.62 21.26
N ASP A 147 -27.49 -4.76 20.78
CA ASP A 147 -28.59 -4.80 19.84
C ASP A 147 -29.78 -5.52 20.47
N TYR A 148 -30.96 -4.91 20.40
CA TYR A 148 -32.20 -5.51 20.86
C TYR A 148 -33.23 -5.42 19.74
N GLU A 149 -33.88 -6.53 19.45
CA GLU A 149 -34.90 -6.58 18.40
C GLU A 149 -36.12 -7.34 18.92
N ASP A 150 -37.28 -6.70 18.82
CA ASP A 150 -38.56 -7.30 19.17
C ASP A 150 -39.47 -7.15 17.96
N ARG A 151 -39.41 -8.12 17.04
CA ARG A 151 -40.10 -8.04 15.77
C ARG A 151 -41.36 -8.88 15.80
N TYR A 152 -42.47 -8.28 15.32
CA TYR A 152 -43.74 -8.98 15.16
C TYR A 152 -44.22 -8.68 13.74
N TYR A 153 -43.85 -9.56 12.80
CA TYR A 153 -44.20 -9.40 11.40
C TYR A 153 -45.38 -10.31 11.09
N ARG A 154 -46.45 -9.73 10.55
CA ARG A 154 -47.67 -10.48 10.24
C ARG A 154 -48.16 -10.08 8.85
N GLU A 155 -48.26 -11.07 7.96
CA GLU A 155 -48.82 -10.88 6.62
C GLU A 155 -48.08 -9.80 5.85
N ASN A 156 -46.76 -9.76 5.99
CA ASN A 156 -45.93 -8.80 5.31
C ASN A 156 -45.33 -9.43 4.06
N MET A 157 -45.48 -8.75 2.92
CA MET A 157 -44.98 -9.24 1.63
C MET A 157 -43.65 -8.55 1.34
N TYR A 158 -42.56 -9.28 1.53
CA TYR A 158 -41.22 -8.78 1.26
C TYR A 158 -40.76 -9.34 -0.09
N ARG A 159 -40.79 -8.49 -1.12
CA ARG A 159 -40.39 -8.87 -2.46
C ARG A 159 -38.98 -8.37 -2.72
N TYR A 160 -38.02 -9.30 -2.77
CA TYR A 160 -36.62 -9.01 -2.99
C TYR A 160 -36.06 -7.95 -2.03
N PRO A 161 -36.12 -8.19 -0.72
CA PRO A 161 -35.50 -7.25 0.21
C PRO A 161 -33.99 -7.42 0.29
N ASN A 162 -33.29 -6.30 0.39
CA ASN A 162 -31.83 -6.26 0.43
C ASN A 162 -31.22 -6.97 -0.78
N GLN A 163 -31.82 -6.76 -1.95
CA GLN A 163 -31.37 -7.39 -3.18
C GLN A 163 -30.17 -6.64 -3.74
N VAL A 164 -29.13 -7.39 -4.13
CA VAL A 164 -27.92 -6.83 -4.71
C VAL A 164 -27.90 -7.25 -6.18
N TYR A 165 -28.39 -6.37 -7.07
CA TYR A 165 -28.35 -6.64 -8.50
C TYR A 165 -27.01 -6.16 -9.05
N TYR A 166 -26.00 -7.01 -8.90
CA TYR A 166 -24.63 -6.69 -9.30
C TYR A 166 -24.44 -7.14 -10.74
N ARG A 167 -24.66 -6.23 -11.68
CA ARG A 167 -24.56 -6.53 -13.11
C ARG A 167 -23.72 -5.46 -13.80
N PRO A 168 -22.41 -5.45 -13.56
CA PRO A 168 -21.54 -4.51 -14.29
C PRO A 168 -21.27 -4.99 -15.71
N VAL A 169 -21.22 -4.03 -16.63
CA VAL A 169 -20.92 -4.29 -18.03
C VAL A 169 -19.79 -3.36 -18.47
N ASP A 170 -18.73 -3.94 -19.03
CA ASP A 170 -17.61 -3.18 -19.58
C ASP A 170 -17.02 -2.22 -18.54
N GLN A 171 -16.81 -2.74 -17.33
CA GLN A 171 -16.25 -1.95 -16.24
C GLN A 171 -14.73 -1.92 -16.38
N TYR A 172 -14.17 -0.76 -16.70
CA TYR A 172 -12.73 -0.58 -16.84
C TYR A 172 -12.28 0.48 -15.84
N ASN A 173 -12.03 0.06 -14.61
CA ASN A 173 -11.66 0.97 -13.53
C ASN A 173 -10.26 0.65 -13.03
N ASN A 174 -9.53 1.69 -12.66
CA ASN A 174 -8.15 1.57 -12.19
C ASN A 174 -8.00 2.33 -10.88
N GLN A 175 -7.67 1.61 -9.82
CA GLN A 175 -7.33 2.20 -8.52
C GLN A 175 -6.02 1.57 -8.08
N ASN A 176 -4.91 2.15 -8.55
CA ASN A 176 -3.58 1.58 -8.36
C ASN A 176 -2.69 2.53 -7.58
N THR A 177 -1.80 1.96 -6.77
CA THR A 177 -0.81 2.72 -6.01
C THR A 177 0.55 2.49 -6.65
N PHE A 178 1.19 3.58 -7.08
CA PHE A 178 2.49 3.53 -7.73
C PHE A 178 3.51 4.27 -6.87
N VAL A 179 4.59 3.58 -6.49
CA VAL A 179 5.68 4.16 -5.72
C VAL A 179 6.97 3.91 -6.48
N HIS A 180 7.62 4.98 -6.92
CA HIS A 180 8.89 4.91 -7.64
C HIS A 180 9.93 5.66 -6.83
N ASP A 181 10.83 4.93 -6.18
CA ASP A 181 11.88 5.48 -5.34
C ASP A 181 13.23 5.09 -5.89
N CYS A 182 14.06 6.10 -6.20
CA CYS A 182 15.42 5.89 -6.70
C CYS A 182 15.41 5.03 -7.96
N VAL A 183 14.50 5.35 -8.86
CA VAL A 183 14.31 4.65 -10.12
C VAL A 183 15.00 5.46 -11.21
N ASN A 184 15.47 4.77 -12.26
CA ASN A 184 16.15 5.39 -13.40
C ASN A 184 17.37 6.17 -12.96
N ILE A 185 18.14 5.62 -12.03
CA ILE A 185 19.39 6.24 -11.58
C ILE A 185 20.52 5.73 -12.46
N THR A 186 21.22 6.66 -13.12
CA THR A 186 22.27 6.31 -14.06
C THR A 186 23.53 7.09 -13.73
N VAL A 187 24.65 6.37 -13.58
CA VAL A 187 25.96 6.99 -13.46
C VAL A 187 26.81 6.40 -14.58
N LYS A 188 26.95 7.13 -15.68
CA LYS A 188 27.53 6.57 -16.88
C LYS A 188 28.54 7.53 -17.48
N GLN A 189 29.52 6.98 -18.18
CA GLN A 189 30.44 7.74 -19.01
C GLN A 189 30.44 7.09 -20.39
N HIS A 190 29.88 7.79 -21.38
CA HIS A 190 29.70 7.25 -22.71
C HIS A 190 30.48 8.07 -23.73
N THR A 191 31.15 7.38 -24.65
CA THR A 191 31.94 8.01 -25.70
C THR A 191 31.58 7.38 -27.04
N VAL A 192 31.32 8.23 -28.04
CA VAL A 192 31.03 7.79 -29.40
C VAL A 192 32.12 8.34 -30.31
N THR A 193 32.79 7.44 -31.04
CA THR A 193 33.86 7.81 -31.96
C THR A 193 33.47 7.41 -33.38
N THR A 194 33.50 8.37 -34.30
CA THR A 194 33.22 8.13 -35.72
C THR A 194 34.22 8.94 -36.53
N THR A 195 35.34 8.30 -36.88
CA THR A 195 36.41 8.95 -37.63
C THR A 195 36.52 8.31 -39.01
N THR A 196 36.54 9.16 -40.05
CA THR A 196 36.65 8.73 -41.43
C THR A 196 37.95 9.24 -42.04
N LYS A 197 38.75 8.31 -42.58
CA LYS A 197 40.05 8.60 -43.22
C LYS A 197 40.89 9.61 -42.44
N GLY A 198 41.01 9.37 -41.14
CA GLY A 198 41.84 10.18 -40.28
C GLY A 198 43.33 9.89 -40.36
N GLU A 199 44.12 10.85 -40.83
CA GLU A 199 45.55 10.68 -41.09
C GLU A 199 46.33 11.54 -40.10
N ASN A 200 47.31 10.90 -39.44
CA ASN A 200 48.24 11.60 -38.53
C ASN A 200 47.50 12.36 -37.42
N PHE A 201 46.45 11.76 -36.85
CA PHE A 201 45.73 12.48 -35.81
C PHE A 201 45.75 11.70 -34.51
N THR A 202 45.74 12.45 -33.41
CA THR A 202 45.74 11.92 -32.06
C THR A 202 44.38 12.16 -31.41
N GLU A 203 43.79 11.11 -30.86
CA GLU A 203 42.50 11.21 -30.19
C GLU A 203 42.72 10.96 -28.70
N THR A 204 42.26 11.90 -27.87
CA THR A 204 42.37 11.79 -26.42
C THR A 204 41.00 11.96 -25.82
N ASP A 205 40.57 10.95 -25.05
CA ASP A 205 39.26 10.95 -24.40
C ASP A 205 39.51 10.56 -22.94
N ILE A 206 39.58 11.55 -22.06
CA ILE A 206 39.79 11.34 -20.64
C ILE A 206 38.54 11.79 -19.91
N LYS A 207 37.97 10.89 -19.11
CA LYS A 207 36.78 11.17 -18.30
C LYS A 207 37.10 10.72 -16.88
N MET A 208 37.66 11.63 -16.09
CA MET A 208 37.91 11.35 -14.69
C MET A 208 36.60 11.29 -13.94
N MET A 209 36.47 10.29 -13.06
CA MET A 209 35.24 10.08 -12.28
C MET A 209 35.69 9.66 -10.88
N GLU A 210 35.82 10.64 -9.99
CA GLU A 210 36.33 10.41 -8.64
C GLU A 210 35.39 11.06 -7.64
N ARG A 211 34.99 10.29 -6.62
CA ARG A 211 34.16 10.79 -5.52
C ARG A 211 32.89 11.45 -6.06
N VAL A 212 32.33 10.87 -7.11
CA VAL A 212 31.24 11.52 -7.84
C VAL A 212 29.94 11.43 -7.08
N VAL A 213 29.61 10.26 -6.53
CA VAL A 213 28.47 10.09 -5.64
C VAL A 213 28.97 9.39 -4.38
N GLU A 214 28.85 10.04 -3.24
CA GLU A 214 29.28 9.40 -2.00
C GLU A 214 28.15 8.63 -1.33
N GLN A 215 26.94 9.19 -1.30
CA GLN A 215 25.80 8.49 -0.74
C GLN A 215 24.58 8.76 -1.60
N MET A 216 23.66 7.80 -1.63
CA MET A 216 22.44 7.92 -2.39
C MET A 216 21.42 6.93 -1.83
N CYS A 217 20.17 7.41 -1.66
CA CYS A 217 19.07 6.60 -1.16
C CYS A 217 19.41 5.94 0.18
N ILE A 218 20.06 6.70 1.06
CA ILE A 218 20.45 6.19 2.37
C ILE A 218 19.28 6.44 3.31
N THR A 219 18.42 5.43 3.46
CA THR A 219 17.30 5.50 4.39
C THR A 219 17.78 4.95 5.73
N GLN A 220 18.38 5.82 6.54
CA GLN A 220 18.99 5.44 7.80
C GLN A 220 18.23 6.07 8.96
N TYR A 221 17.81 5.24 9.91
CA TYR A 221 17.17 5.70 11.13
C TYR A 221 18.16 5.56 12.27
N GLN A 222 18.45 6.66 12.96
CA GLN A 222 19.47 6.71 13.99
C GLN A 222 18.84 7.09 15.33
N ARG A 223 19.20 6.34 16.37
CA ARG A 223 18.77 6.65 17.74
C ARG A 223 19.98 6.41 18.66
N GLU A 224 20.61 7.50 19.11
CA GLU A 224 21.80 7.43 19.95
C GLU A 224 22.90 6.59 19.30
N SER A 225 23.03 6.72 17.98
CA SER A 225 23.93 5.91 17.18
C SER A 225 24.91 6.81 16.42
N GLN A 226 25.87 6.18 15.77
CA GLN A 226 26.89 6.88 15.00
C GLN A 226 27.10 6.19 13.66
N ALA A 227 27.25 6.99 12.61
CA ALA A 227 27.55 6.49 11.28
C ALA A 227 28.72 7.28 10.70
N TYR A 228 29.73 6.57 10.21
CA TYR A 228 30.93 7.19 9.66
C TYR A 228 31.09 6.76 8.21
N TYR A 229 31.15 7.74 7.31
CA TYR A 229 31.29 7.45 5.88
C TYR A 229 32.63 7.92 5.35
N GLY B 92 -37.30 -6.13 33.04
CA GLY B 92 -36.19 -5.49 33.73
C GLY B 92 -34.86 -6.19 33.45
N TRP B 93 -34.54 -6.36 32.18
CA TRP B 93 -33.30 -7.01 31.78
C TRP B 93 -32.16 -5.99 31.72
N GLY B 94 -30.98 -6.46 31.34
CA GLY B 94 -29.83 -5.60 31.25
C GLY B 94 -28.72 -6.13 30.37
N GLN B 95 -28.20 -5.28 29.49
CA GLN B 95 -27.08 -5.64 28.61
C GLN B 95 -25.86 -4.84 29.03
N GLY B 96 -24.76 -5.55 29.28
CA GLY B 96 -23.55 -4.89 29.72
C GLY B 96 -22.96 -3.99 28.66
N GLY B 97 -22.28 -2.94 29.11
CA GLY B 97 -21.66 -2.02 28.18
C GLY B 97 -20.55 -2.68 27.38
N THR B 98 -20.43 -2.26 26.12
CA THR B 98 -19.46 -2.82 25.20
C THR B 98 -18.26 -1.89 25.09
N HIS B 99 -17.08 -2.40 25.46
CA HIS B 99 -15.81 -1.70 25.28
C HIS B 99 -14.97 -2.54 24.32
N SER B 100 -15.19 -2.32 23.02
CA SER B 100 -14.59 -3.15 21.98
C SER B 100 -13.84 -2.28 20.99
N GLN B 101 -12.70 -2.77 20.53
CA GLN B 101 -11.85 -2.03 19.60
C GLN B 101 -11.58 -2.90 18.38
N TRP B 102 -11.87 -2.38 17.18
CA TRP B 102 -11.53 -3.09 15.96
C TRP B 102 -10.02 -3.24 15.81
N ASN B 103 -9.25 -2.32 16.39
CA ASN B 103 -7.80 -2.40 16.36
C ASN B 103 -7.28 -1.64 17.58
N LYS B 104 -6.66 -2.35 18.51
CA LYS B 104 -6.14 -1.76 19.75
C LYS B 104 -4.68 -2.16 19.91
N PRO B 105 -3.78 -1.54 19.16
CA PRO B 105 -2.35 -1.81 19.35
C PRO B 105 -1.73 -0.90 20.40
N SER B 106 -1.06 -1.48 21.39
CA SER B 106 -0.44 -0.73 22.48
C SER B 106 1.05 -0.59 22.23
N LYS B 107 1.53 0.66 22.23
CA LYS B 107 2.94 0.97 22.04
C LYS B 107 3.55 0.28 20.81
N PRO B 108 3.03 0.53 19.61
CA PRO B 108 3.64 -0.04 18.39
C PRO B 108 4.86 0.77 17.96
N LYS B 109 6.04 0.21 18.21
CA LYS B 109 7.30 0.81 17.78
C LYS B 109 7.74 0.13 16.49
N THR B 110 7.70 0.86 15.39
CA THR B 110 7.90 0.28 14.07
C THR B 110 8.85 1.16 13.26
N ASN B 111 9.74 0.50 12.51
CA ASN B 111 10.63 1.18 11.56
C ASN B 111 10.45 0.54 10.20
N MET B 112 10.10 1.35 9.20
CA MET B 112 9.88 0.85 7.85
C MET B 112 10.26 1.95 6.86
N LYS B 113 10.12 1.65 5.57
CA LYS B 113 10.44 2.62 4.52
C LYS B 113 9.21 2.99 3.70
N HIS B 114 8.52 2.02 3.10
CA HIS B 114 7.43 2.30 2.18
C HIS B 114 6.17 1.58 2.63
N VAL B 115 5.06 2.31 2.69
CA VAL B 115 3.75 1.74 2.96
C VAL B 115 2.86 2.13 1.78
N ALA B 116 2.76 1.24 0.79
CA ALA B 116 2.00 1.51 -0.41
C ALA B 116 0.81 0.55 -0.49
N GLY B 117 -0.40 1.11 -0.50
CA GLY B 117 -1.59 0.29 -0.65
C GLY B 117 -1.76 -0.74 0.43
N ALA B 118 -1.39 -0.41 1.67
CA ALA B 118 -1.33 -1.40 2.74
C ALA B 118 -1.78 -0.74 4.03
N ALA B 119 -1.55 -1.44 5.15
CA ALA B 119 -1.83 -0.91 6.47
C ALA B 119 -0.67 -1.24 7.38
N ALA B 120 -0.29 -0.29 8.23
CA ALA B 120 0.87 -0.48 9.09
C ALA B 120 0.75 0.45 10.29
N ALA B 121 1.56 0.16 11.31
CA ALA B 121 1.61 0.96 12.54
C ALA B 121 0.23 1.10 13.18
N GLY B 122 -0.51 0.00 13.22
CA GLY B 122 -1.80 -0.02 13.87
C GLY B 122 -2.84 0.88 13.24
N ALA B 123 -2.95 0.82 11.91
CA ALA B 123 -3.87 1.66 11.15
C ALA B 123 -4.91 0.78 10.45
N VAL B 124 -6.14 1.27 10.38
CA VAL B 124 -7.25 0.55 9.76
C VAL B 124 -7.59 1.22 8.45
N VAL B 125 -7.61 0.44 7.37
CA VAL B 125 -7.95 0.99 6.04
C VAL B 125 -9.45 0.80 5.87
N GLY B 126 -10.21 1.76 6.42
CA GLY B 126 -11.63 1.83 6.12
C GLY B 126 -12.54 0.96 6.94
N GLY B 127 -13.55 1.58 7.56
CA GLY B 127 -14.66 0.84 8.13
C GLY B 127 -15.88 1.05 7.28
N LEU B 128 -16.29 0.00 6.55
CA LEU B 128 -17.28 0.11 5.48
C LEU B 128 -16.82 1.14 4.45
N GLY B 129 -15.52 1.16 4.17
CA GLY B 129 -14.94 2.10 3.24
C GLY B 129 -13.47 1.81 2.97
N GLY B 130 -12.71 2.85 2.66
CA GLY B 130 -11.30 2.69 2.35
C GLY B 130 -10.97 3.17 0.96
N TYR B 131 -10.57 2.25 0.08
CA TYR B 131 -10.30 2.55 -1.32
C TYR B 131 -11.30 1.75 -2.14
N MET B 132 -12.47 2.34 -2.35
CA MET B 132 -13.60 1.68 -3.02
C MET B 132 -14.03 2.57 -4.19
N LEU B 133 -13.37 2.39 -5.33
CA LEU B 133 -13.59 3.29 -6.47
C LEU B 133 -15.04 3.24 -6.93
N GLY B 134 -15.57 2.05 -7.19
CA GLY B 134 -16.96 1.91 -7.58
C GLY B 134 -17.78 1.14 -6.58
N SER B 135 -18.67 1.83 -5.87
CA SER B 135 -19.45 1.19 -4.81
C SER B 135 -20.88 1.70 -4.86
N ALA B 136 -21.79 0.88 -4.34
CA ALA B 136 -23.20 1.24 -4.23
C ALA B 136 -23.77 0.48 -3.03
N MET B 137 -24.02 1.20 -1.94
CA MET B 137 -24.48 0.59 -0.70
C MET B 137 -25.82 1.18 -0.30
N SER B 138 -26.82 0.32 -0.09
CA SER B 138 -28.16 0.75 0.31
C SER B 138 -28.30 0.62 1.81
N ARG B 139 -28.76 1.70 2.45
CA ARG B 139 -28.91 1.77 3.90
C ARG B 139 -27.65 1.35 4.65
N PRO B 140 -26.52 2.02 4.44
CA PRO B 140 -25.32 1.71 5.23
C PRO B 140 -25.34 2.47 6.55
N LEU B 141 -25.32 1.72 7.65
CA LEU B 141 -25.52 2.30 8.98
C LEU B 141 -24.36 1.92 9.89
N ILE B 142 -23.79 2.92 10.56
CA ILE B 142 -22.77 2.72 11.60
C ILE B 142 -23.20 3.50 12.82
N HIS B 143 -23.43 2.81 13.94
CA HIS B 143 -23.78 3.47 15.18
C HIS B 143 -23.13 2.75 16.36
N PHE B 144 -22.18 3.42 17.01
CA PHE B 144 -21.51 2.82 18.16
C PHE B 144 -22.43 2.71 19.36
N GLY B 145 -23.48 3.51 19.43
CA GLY B 145 -24.38 3.46 20.56
C GLY B 145 -25.26 2.23 20.56
N ASN B 146 -25.96 2.03 21.68
CA ASN B 146 -26.86 0.90 21.82
C ASN B 146 -28.05 1.05 20.87
N ASP B 147 -28.54 -0.09 20.38
CA ASP B 147 -29.65 -0.13 19.44
C ASP B 147 -30.83 -0.85 20.07
N TYR B 148 -32.01 -0.24 19.98
CA TYR B 148 -33.25 -0.85 20.43
C TYR B 148 -34.27 -0.75 19.31
N GLU B 149 -34.94 -1.87 19.01
CA GLU B 149 -35.93 -1.92 17.97
C GLU B 149 -37.16 -2.68 18.46
N ASP B 150 -38.33 -2.04 18.37
CA ASP B 150 -39.61 -2.64 18.72
C ASP B 150 -40.51 -2.49 17.49
N ARG B 151 -40.44 -3.45 16.59
CA ARG B 151 -41.12 -3.38 15.30
C ARG B 151 -42.39 -4.20 15.33
N TYR B 152 -43.49 -3.62 14.84
CA TYR B 152 -44.77 -4.32 14.68
C TYR B 152 -45.23 -4.01 13.26
N TYR B 153 -44.87 -4.89 12.32
CA TYR B 153 -45.21 -4.73 10.91
C TYR B 153 -46.38 -5.64 10.60
N ARG B 154 -47.46 -5.07 10.05
CA ARG B 154 -48.66 -5.81 9.73
C ARG B 154 -49.15 -5.41 8.34
N GLU B 155 -49.25 -6.40 7.46
CA GLU B 155 -49.81 -6.21 6.11
C GLU B 155 -49.06 -5.13 5.34
N ASN B 156 -47.74 -5.09 5.49
CA ASN B 156 -46.90 -4.12 4.82
C ASN B 156 -46.30 -4.76 3.56
N MET B 157 -46.44 -4.07 2.43
CA MET B 157 -45.94 -4.56 1.14
C MET B 157 -44.61 -3.87 0.86
N TYR B 158 -43.51 -4.60 1.05
CA TYR B 158 -42.17 -4.09 0.79
C TYR B 158 -41.72 -4.65 -0.55
N ARG B 159 -41.73 -3.81 -1.58
CA ARG B 159 -41.32 -4.19 -2.93
C ARG B 159 -39.90 -3.69 -3.18
N TYR B 160 -38.96 -4.62 -3.22
CA TYR B 160 -37.55 -4.31 -3.44
C TYR B 160 -37.00 -3.26 -2.47
N PRO B 161 -37.06 -3.51 -1.16
CA PRO B 161 -36.45 -2.56 -0.22
C PRO B 161 -34.94 -2.74 -0.14
N ASN B 162 -34.24 -1.60 -0.04
CA ASN B 162 -32.77 -1.57 0.01
C ASN B 162 -32.17 -2.28 -1.20
N GLN B 163 -32.77 -2.06 -2.37
CA GLN B 163 -32.30 -2.70 -3.59
C GLN B 163 -31.10 -1.95 -4.15
N VAL B 164 -30.06 -2.69 -4.53
CA VAL B 164 -28.85 -2.13 -5.12
C VAL B 164 -28.82 -2.55 -6.58
N TYR B 165 -29.30 -1.68 -7.47
CA TYR B 165 -29.26 -1.94 -8.91
C TYR B 165 -27.92 -1.46 -9.45
N TYR B 166 -26.90 -2.31 -9.29
CA TYR B 166 -25.53 -1.98 -9.68
C TYR B 166 -25.33 -2.45 -11.12
N ARG B 167 -25.55 -1.53 -12.06
CA ARG B 167 -25.45 -1.82 -13.50
C ARG B 167 -24.60 -0.75 -14.18
N PRO B 168 -23.29 -0.74 -13.93
CA PRO B 168 -22.42 0.20 -14.65
C PRO B 168 -22.14 -0.28 -16.07
N VAL B 169 -22.09 0.69 -17.00
CA VAL B 169 -21.78 0.42 -18.40
C VAL B 169 -20.66 1.35 -18.82
N ASP B 170 -19.59 0.78 -19.38
CA ASP B 170 -18.46 1.53 -19.93
C ASP B 170 -17.88 2.49 -18.88
N GLN B 171 -17.67 1.97 -17.68
CA GLN B 171 -17.12 2.77 -16.59
C GLN B 171 -15.60 2.79 -16.71
N TYR B 172 -15.04 3.96 -17.02
CA TYR B 172 -13.59 4.14 -17.16
C TYR B 172 -13.15 5.20 -16.16
N ASN B 173 -12.91 4.78 -14.93
CA ASN B 173 -12.56 5.69 -13.84
C ASN B 173 -11.16 5.37 -13.33
N ASN B 174 -10.42 6.41 -12.96
CA ASN B 174 -9.05 6.28 -12.48
C ASN B 174 -8.90 7.05 -11.18
N GLN B 175 -8.57 6.32 -10.10
CA GLN B 175 -8.25 6.90 -8.81
C GLN B 175 -6.93 6.29 -8.37
N ASN B 176 -5.82 6.86 -8.82
CA ASN B 176 -4.50 6.28 -8.63
C ASN B 176 -3.61 7.25 -7.84
N THR B 177 -2.73 6.68 -7.03
CA THR B 177 -1.73 7.43 -6.27
C THR B 177 -0.37 7.21 -6.90
N PHE B 178 0.27 8.30 -7.33
CA PHE B 178 1.58 8.25 -7.96
C PHE B 178 2.59 8.99 -7.11
N VAL B 179 3.65 8.29 -6.72
CA VAL B 179 4.75 8.87 -5.94
C VAL B 179 6.04 8.63 -6.69
N HIS B 180 6.69 9.70 -7.13
CA HIS B 180 7.97 9.63 -7.85
C HIS B 180 9.01 10.39 -7.03
N ASP B 181 9.89 9.65 -6.38
CA ASP B 181 10.94 10.20 -5.52
C ASP B 181 12.30 9.82 -6.08
N CYS B 182 13.13 10.83 -6.38
CA CYS B 182 14.49 10.61 -6.87
C CYS B 182 14.49 9.76 -8.13
N VAL B 183 13.58 10.08 -9.03
CA VAL B 183 13.40 9.38 -10.30
C VAL B 183 14.09 10.19 -11.39
N ASN B 184 14.57 9.50 -12.43
CA ASN B 184 15.25 10.12 -13.57
C ASN B 184 16.48 10.91 -13.12
N ILE B 185 17.25 10.35 -12.18
CA ILE B 185 18.49 10.97 -11.73
C ILE B 185 19.63 10.47 -12.61
N THR B 186 20.33 11.39 -13.25
CA THR B 186 21.38 11.04 -14.20
C THR B 186 22.64 11.81 -13.85
N VAL B 187 23.75 11.11 -13.70
CA VAL B 187 25.07 11.72 -13.58
C VAL B 187 25.93 11.14 -14.69
N LYS B 188 26.07 11.87 -15.78
CA LYS B 188 26.65 11.31 -16.99
C LYS B 188 27.66 12.28 -17.59
N GLN B 189 28.64 11.73 -18.29
CA GLN B 189 29.57 12.49 -19.11
C GLN B 189 29.58 11.84 -20.48
N HIS B 190 29.03 12.54 -21.48
CA HIS B 190 28.86 12.00 -22.81
C HIS B 190 29.64 12.82 -23.83
N THR B 191 30.32 12.13 -24.74
CA THR B 191 31.11 12.76 -25.79
C THR B 191 30.75 12.13 -27.13
N VAL B 192 30.50 12.98 -28.13
CA VAL B 192 30.22 12.55 -29.49
C VAL B 192 31.32 13.10 -30.40
N THR B 193 31.98 12.21 -31.13
CA THR B 193 33.05 12.57 -32.04
C THR B 193 32.68 12.17 -33.46
N THR B 194 32.72 13.13 -34.38
CA THR B 194 32.44 12.90 -35.79
C THR B 194 33.44 13.71 -36.60
N THR B 195 34.56 13.07 -36.95
CA THR B 195 35.64 13.72 -37.70
C THR B 195 35.76 13.09 -39.08
N THR B 196 35.77 13.93 -40.11
CA THR B 196 35.90 13.50 -41.50
C THR B 196 37.19 14.02 -42.10
N LYS B 197 38.01 13.10 -42.63
CA LYS B 197 39.30 13.37 -43.26
C LYS B 197 40.13 14.39 -42.48
N GLY B 198 40.26 14.15 -41.18
CA GLY B 198 41.09 14.97 -40.32
C GLY B 198 42.57 14.66 -40.39
N GLU B 199 43.36 15.63 -40.85
CA GLU B 199 44.79 15.46 -41.11
C GLU B 199 45.57 16.31 -40.11
N ASN B 200 46.55 15.69 -39.44
CA ASN B 200 47.46 16.38 -38.53
C ASN B 200 46.72 17.13 -37.43
N PHE B 201 45.68 16.54 -36.86
CA PHE B 201 44.95 17.25 -35.83
C PHE B 201 44.96 16.47 -34.52
N THR B 202 44.94 17.23 -33.42
CA THR B 202 44.94 16.69 -32.08
C THR B 202 43.58 16.92 -31.44
N GLU B 203 42.98 15.88 -30.87
CA GLU B 203 41.70 15.98 -30.22
C GLU B 203 41.90 15.72 -28.73
N THR B 204 41.44 16.67 -27.91
CA THR B 204 41.55 16.54 -26.46
C THR B 204 40.16 16.71 -25.84
N ASP B 205 39.73 15.71 -25.09
CA ASP B 205 38.42 15.70 -24.44
C ASP B 205 38.65 15.31 -22.98
N ILE B 206 38.73 16.31 -22.11
CA ILE B 206 38.93 16.09 -20.68
C ILE B 206 37.68 16.54 -19.95
N LYS B 207 37.11 15.64 -19.16
CA LYS B 207 35.91 15.92 -18.35
C LYS B 207 36.22 15.48 -16.94
N MET B 208 36.78 16.39 -16.15
CA MET B 208 37.02 16.09 -14.74
C MET B 208 35.71 16.04 -13.99
N MET B 209 35.57 15.04 -13.12
CA MET B 209 34.34 14.84 -12.35
C MET B 209 34.78 14.40 -10.95
N GLU B 210 34.91 15.38 -10.05
CA GLU B 210 35.40 15.14 -8.71
C GLU B 210 34.46 15.79 -7.70
N ARG B 211 34.06 15.02 -6.69
CA ARG B 211 33.22 15.52 -5.59
C ARG B 211 31.96 16.19 -6.13
N VAL B 212 31.41 15.60 -7.20
CA VAL B 212 30.32 16.26 -7.93
C VAL B 212 29.02 16.17 -7.16
N VAL B 213 28.69 14.99 -6.63
CA VAL B 213 27.54 14.82 -5.74
C VAL B 213 28.03 14.12 -4.48
N GLU B 214 27.90 14.78 -3.34
CA GLU B 214 28.33 14.13 -2.10
C GLU B 214 27.20 13.36 -1.44
N GLN B 215 25.99 13.92 -1.41
CA GLN B 215 24.84 13.22 -0.86
C GLN B 215 23.63 13.49 -1.72
N MET B 216 22.72 12.51 -1.76
CA MET B 216 21.48 12.64 -2.53
C MET B 216 20.46 11.66 -1.97
N CYS B 217 19.23 12.14 -1.81
CA CYS B 217 18.12 11.31 -1.32
C CYS B 217 18.45 10.66 0.02
N ILE B 218 19.10 11.42 0.92
CA ILE B 218 19.48 10.91 2.24
C ILE B 218 18.30 11.15 3.16
N THR B 219 17.44 10.15 3.30
CA THR B 219 16.32 10.21 4.23
C THR B 219 16.79 9.66 5.57
N GLN B 220 17.38 10.54 6.38
CA GLN B 220 17.99 10.15 7.64
C GLN B 220 17.22 10.78 8.80
N TYR B 221 16.80 9.94 9.75
CA TYR B 221 16.15 10.41 10.98
C TYR B 221 17.14 10.26 12.12
N GLN B 222 17.42 11.37 12.80
CA GLN B 222 18.44 11.41 13.84
C GLN B 222 17.81 11.79 15.17
N ARG B 223 18.17 11.05 16.23
CA ARG B 223 17.73 11.36 17.59
C ARG B 223 18.93 11.11 18.51
N GLU B 224 19.56 12.20 18.97
CA GLU B 224 20.75 12.13 19.81
C GLU B 224 21.85 11.30 19.16
N SER B 225 21.98 11.43 17.84
CA SER B 225 22.89 10.62 17.06
C SER B 225 23.86 11.52 16.29
N GLN B 226 24.84 10.88 15.64
CA GLN B 226 25.86 11.59 14.89
C GLN B 226 26.08 10.90 13.56
N ALA B 227 26.24 11.70 12.50
CA ALA B 227 26.54 11.21 11.17
C ALA B 227 27.71 11.99 10.60
N TYR B 228 28.72 11.28 10.12
CA TYR B 228 29.92 11.91 9.57
C TYR B 228 30.09 11.47 8.12
N TYR B 229 30.16 12.45 7.22
CA TYR B 229 30.30 12.17 5.79
C TYR B 229 31.65 12.64 5.27
N GLY C 92 -35.08 -15.36 33.97
CA GLY C 92 -33.96 -14.74 34.64
C GLY C 92 -32.64 -15.43 34.37
N TRP C 93 -32.33 -15.61 33.08
CA TRP C 93 -31.09 -16.26 32.68
C TRP C 93 -29.96 -15.24 32.60
N GLY C 94 -28.78 -15.72 32.21
CA GLY C 94 -27.63 -14.85 32.11
C GLY C 94 -26.53 -15.38 31.22
N GLN C 95 -26.02 -14.54 30.32
CA GLN C 95 -24.91 -14.90 29.45
C GLN C 95 -23.68 -14.11 29.84
N GLY C 96 -22.57 -14.82 30.08
CA GLY C 96 -21.36 -14.16 30.51
C GLY C 96 -20.78 -13.26 29.44
N GLY C 97 -20.10 -12.20 29.88
CA GLY C 97 -19.48 -11.29 28.94
C GLY C 97 -18.39 -11.95 28.13
N THR C 98 -18.27 -11.54 26.88
CA THR C 98 -17.32 -12.11 25.94
C THR C 98 -16.11 -11.18 25.82
N HIS C 99 -14.93 -11.68 26.18
CA HIS C 99 -13.66 -10.99 25.98
C HIS C 99 -12.83 -11.82 25.01
N SER C 100 -13.07 -11.62 23.72
CA SER C 100 -12.48 -12.45 22.68
C SER C 100 -11.74 -11.58 21.68
N GLN C 101 -10.60 -12.08 21.21
CA GLN C 101 -9.76 -11.35 20.26
C GLN C 101 -9.50 -12.22 19.04
N TRP C 102 -9.81 -11.69 17.86
CA TRP C 102 -9.48 -12.42 16.63
C TRP C 102 -7.97 -12.57 16.46
N ASN C 103 -7.20 -11.65 17.03
CA ASN C 103 -5.74 -11.73 16.99
C ASN C 103 -5.21 -10.96 18.20
N LYS C 104 -4.58 -11.67 19.13
CA LYS C 104 -4.05 -11.07 20.36
C LYS C 104 -2.59 -11.48 20.51
N PRO C 105 -1.69 -10.85 19.75
CA PRO C 105 -0.26 -11.13 19.93
C PRO C 105 0.37 -10.22 20.96
N SER C 106 1.05 -10.80 21.94
CA SER C 106 1.67 -10.04 23.02
C SER C 106 3.16 -9.90 22.77
N LYS C 107 3.65 -8.66 22.75
CA LYS C 107 5.05 -8.34 22.55
C LYS C 107 5.65 -9.04 21.31
N PRO C 108 5.11 -8.80 20.12
CA PRO C 108 5.72 -9.37 18.91
C PRO C 108 6.92 -8.57 18.44
N LYS C 109 8.11 -9.12 18.68
CA LYS C 109 9.37 -8.52 18.25
C LYS C 109 9.80 -9.20 16.96
N THR C 110 9.74 -8.48 15.85
CA THR C 110 9.94 -9.06 14.53
C THR C 110 10.87 -8.20 13.70
N ASN C 111 11.76 -8.85 12.95
CA ASN C 111 12.64 -8.18 12.00
C ASN C 111 12.45 -8.83 10.63
N MET C 112 12.08 -8.03 9.63
CA MET C 112 11.86 -8.52 8.28
C MET C 112 12.23 -7.42 7.30
N LYS C 113 12.08 -7.73 6.01
CA LYS C 113 12.38 -6.77 4.95
C LYS C 113 11.15 -6.40 4.14
N HIS C 114 10.46 -7.37 3.55
CA HIS C 114 9.35 -7.09 2.64
C HIS C 114 8.09 -7.81 3.09
N VAL C 115 6.99 -7.07 3.17
CA VAL C 115 5.67 -7.63 3.46
C VAL C 115 4.78 -7.25 2.28
N ALA C 116 4.67 -8.14 1.31
CA ALA C 116 3.89 -7.89 0.10
C ALA C 116 2.71 -8.84 0.04
N GLY C 117 1.50 -8.28 0.04
CA GLY C 117 0.29 -9.09 -0.09
C GLY C 117 0.13 -10.13 1.00
N ALA C 118 0.53 -9.80 2.23
CA ALA C 118 0.59 -10.78 3.30
C ALA C 118 0.15 -10.11 4.60
N ALA C 119 0.38 -10.80 5.70
CA ALA C 119 0.13 -10.27 7.04
C ALA C 119 1.30 -10.60 7.94
N ALA C 120 1.69 -9.64 8.77
CA ALA C 120 2.85 -9.83 9.63
C ALA C 120 2.75 -8.90 10.82
N ALA C 121 3.56 -9.18 11.84
CA ALA C 121 3.64 -8.39 13.06
C ALA C 121 2.27 -8.24 13.72
N GLY C 122 1.52 -9.34 13.77
CA GLY C 122 0.23 -9.35 14.43
C GLY C 122 -0.81 -8.46 13.79
N ALA C 123 -0.94 -8.53 12.47
CA ALA C 123 -1.87 -7.70 11.72
C ALA C 123 -2.91 -8.57 11.03
N VAL C 124 -4.14 -8.08 10.97
CA VAL C 124 -5.26 -8.81 10.38
C VAL C 124 -5.62 -8.13 9.06
N VAL C 125 -5.64 -8.91 7.98
CA VAL C 125 -5.99 -8.37 6.66
C VAL C 125 -7.49 -8.56 6.51
N GLY C 126 -8.25 -7.60 7.06
CA GLY C 126 -9.66 -7.52 6.77
C GLY C 126 -10.58 -8.40 7.61
N GLY C 127 -11.57 -7.78 8.22
CA GLY C 127 -12.67 -8.50 8.81
C GLY C 127 -13.92 -8.31 7.97
N LEU C 128 -14.33 -9.35 7.26
CA LEU C 128 -15.32 -9.24 6.19
C LEU C 128 -14.88 -8.21 5.15
N GLY C 129 -13.58 -8.20 4.86
CA GLY C 129 -13.01 -7.26 3.93
C GLY C 129 -11.55 -7.55 3.64
N GLY C 130 -10.79 -6.51 3.32
CA GLY C 130 -9.39 -6.68 3.00
C GLY C 130 -9.07 -6.20 1.60
N TYR C 131 -8.68 -7.13 0.72
CA TYR C 131 -8.40 -6.84 -0.69
C TYR C 131 -9.42 -7.64 -1.49
N MET C 132 -10.60 -7.05 -1.70
CA MET C 132 -11.73 -7.70 -2.35
C MET C 132 -12.17 -6.82 -3.51
N LEU C 133 -11.52 -7.00 -4.67
CA LEU C 133 -11.76 -6.12 -5.80
C LEU C 133 -13.21 -6.16 -6.25
N GLY C 134 -13.75 -7.35 -6.50
CA GLY C 134 -15.13 -7.48 -6.88
C GLY C 134 -15.95 -8.25 -5.86
N SER C 135 -16.83 -7.56 -5.14
CA SER C 135 -17.61 -8.19 -4.08
C SER C 135 -19.03 -7.68 -4.12
N ALA C 136 -19.94 -8.50 -3.58
CA ALA C 136 -21.35 -8.13 -3.45
C ALA C 136 -21.90 -8.89 -2.26
N MET C 137 -22.15 -8.17 -1.16
CA MET C 137 -22.60 -8.78 0.08
C MET C 137 -23.93 -8.19 0.50
N SER C 138 -24.93 -9.05 0.71
CA SER C 138 -26.26 -8.62 1.12
C SER C 138 -26.39 -8.74 2.64
N ARG C 139 -26.83 -7.66 3.27
CA ARG C 139 -26.98 -7.58 4.72
C ARG C 139 -25.71 -8.01 5.47
N PRO C 140 -24.58 -7.32 5.24
CA PRO C 140 -23.37 -7.63 6.02
C PRO C 140 -23.37 -6.87 7.34
N LEU C 141 -23.35 -7.61 8.44
CA LEU C 141 -23.53 -7.03 9.77
C LEU C 141 -22.36 -7.41 10.67
N ILE C 142 -21.78 -6.41 11.33
CA ILE C 142 -20.76 -6.60 12.35
C ILE C 142 -21.18 -5.81 13.59
N HIS C 143 -21.40 -6.51 14.70
CA HIS C 143 -21.74 -5.84 15.96
C HIS C 143 -21.08 -6.56 17.12
N PHE C 144 -20.11 -5.89 17.76
CA PHE C 144 -19.43 -6.48 18.90
C PHE C 144 -20.33 -6.60 20.12
N GLY C 145 -21.39 -5.79 20.20
CA GLY C 145 -22.28 -5.84 21.34
C GLY C 145 -23.16 -7.07 21.34
N ASN C 146 -23.84 -7.26 22.47
CA ASN C 146 -24.74 -8.39 22.61
C ASN C 146 -25.95 -8.24 21.69
N ASP C 147 -26.44 -9.38 21.21
CA ASP C 147 -27.56 -9.43 20.27
C ASP C 147 -28.73 -10.15 20.92
N TYR C 148 -29.91 -9.54 20.84
CA TYR C 148 -31.15 -10.13 21.31
C TYR C 148 -32.19 -10.05 20.20
N GLU C 149 -32.85 -11.16 19.91
CA GLU C 149 -33.86 -11.21 18.87
C GLU C 149 -35.08 -11.96 19.39
N ASP C 150 -36.25 -11.33 19.30
CA ASP C 150 -37.53 -11.93 19.66
C ASP C 150 -38.44 -11.78 18.44
N ARG C 151 -38.38 -12.75 17.54
CA ARG C 151 -39.07 -12.68 16.27
C ARG C 151 -40.35 -13.51 16.31
N TYR C 152 -41.45 -12.92 15.82
CA TYR C 152 -42.72 -13.61 15.68
C TYR C 152 -43.21 -13.31 14.26
N TYR C 153 -42.85 -14.19 13.32
CA TYR C 153 -43.21 -14.04 11.92
C TYR C 153 -44.39 -14.95 11.61
N ARG C 154 -45.46 -14.38 11.08
CA ARG C 154 -46.67 -15.13 10.77
C ARG C 154 -47.18 -14.73 9.40
N GLU C 155 -47.29 -15.72 8.50
CA GLU C 155 -47.86 -15.53 7.16
C GLU C 155 -47.11 -14.46 6.38
N ASN C 156 -45.80 -14.41 6.53
CA ASN C 156 -44.95 -13.45 5.83
C ASN C 156 -44.36 -14.09 4.58
N MET C 157 -44.53 -13.41 3.45
CA MET C 157 -44.03 -13.91 2.17
C MET C 157 -42.71 -13.22 1.86
N TYR C 158 -41.61 -13.95 2.04
CA TYR C 158 -40.27 -13.45 1.76
C TYR C 158 -39.83 -14.01 0.42
N ARG C 159 -39.85 -13.16 -0.61
CA ARG C 159 -39.46 -13.54 -1.96
C ARG C 159 -38.05 -13.05 -2.22
N TYR C 160 -37.10 -13.99 -2.27
CA TYR C 160 -35.69 -13.68 -2.51
C TYR C 160 -35.13 -12.63 -1.55
N PRO C 161 -35.17 -12.86 -0.24
CA PRO C 161 -34.55 -11.92 0.69
C PRO C 161 -33.05 -12.09 0.76
N ASN C 162 -32.34 -10.97 0.85
CA ASN C 162 -30.88 -10.93 0.88
C ASN C 162 -30.28 -11.65 -0.33
N GLN C 163 -30.90 -11.43 -1.49
CA GLN C 163 -30.44 -12.07 -2.72
C GLN C 163 -29.24 -11.32 -3.29
N VAL C 164 -28.21 -12.06 -3.68
CA VAL C 164 -27.01 -11.50 -4.29
C VAL C 164 -26.99 -11.94 -5.75
N TYR C 165 -27.48 -11.07 -6.63
CA TYR C 165 -27.46 -11.33 -8.07
C TYR C 165 -26.12 -10.86 -8.62
N TYR C 166 -25.10 -11.71 -8.47
CA TYR C 166 -23.74 -11.38 -8.88
C TYR C 166 -23.55 -11.85 -10.31
N ARG C 167 -23.78 -10.93 -11.26
CA ARG C 167 -23.68 -11.23 -12.69
C ARG C 167 -22.85 -10.17 -13.39
N PRO C 168 -21.54 -10.15 -13.16
CA PRO C 168 -20.68 -9.22 -13.89
C PRO C 168 -20.40 -9.70 -15.31
N VAL C 169 -20.37 -8.74 -16.24
CA VAL C 169 -20.07 -9.01 -17.63
C VAL C 169 -18.95 -8.08 -18.08
N ASP C 170 -17.89 -8.66 -18.65
CA ASP C 170 -16.76 -7.90 -19.20
C ASP C 170 -16.17 -6.94 -18.17
N GLN C 171 -15.95 -7.46 -16.96
CA GLN C 171 -15.38 -6.66 -15.88
C GLN C 171 -13.87 -6.64 -16.02
N TYR C 172 -13.31 -5.47 -16.34
CA TYR C 172 -11.87 -5.29 -16.50
C TYR C 172 -11.42 -4.23 -15.50
N ASN C 173 -11.16 -4.65 -14.27
CA ASN C 173 -10.79 -3.73 -13.19
C ASN C 173 -9.39 -4.05 -12.70
N ASN C 174 -8.64 -3.01 -12.33
CA ASN C 174 -7.27 -3.14 -11.88
C ASN C 174 -7.11 -2.37 -10.57
N GLN C 175 -6.78 -3.09 -9.50
CA GLN C 175 -6.43 -2.50 -8.21
C GLN C 175 -5.11 -3.13 -7.77
N ASN C 176 -4.01 -2.55 -8.24
CA ASN C 176 -2.69 -3.12 -8.06
C ASN C 176 -1.78 -2.16 -7.29
N THR C 177 -0.89 -2.74 -6.49
CA THR C 177 0.10 -1.97 -5.73
C THR C 177 1.46 -2.20 -6.38
N PHE C 178 2.10 -1.12 -6.82
CA PHE C 178 3.41 -1.16 -7.47
C PHE C 178 4.42 -0.42 -6.62
N VAL C 179 5.50 -1.12 -6.24
CA VAL C 179 6.59 -0.54 -5.48
C VAL C 179 7.88 -0.79 -6.24
N HIS C 180 8.53 0.29 -6.70
CA HIS C 180 9.80 0.21 -7.41
C HIS C 180 10.84 0.97 -6.61
N ASP C 181 11.74 0.23 -5.97
CA ASP C 181 12.79 0.78 -5.12
C ASP C 181 14.15 0.40 -5.69
N CYS C 182 14.96 1.41 -6.01
CA CYS C 182 16.32 1.19 -6.51
C CYS C 182 16.31 0.33 -7.77
N VAL C 183 15.39 0.64 -8.66
CA VAL C 183 15.20 -0.05 -9.92
C VAL C 183 15.88 0.75 -11.02
N ASN C 184 16.35 0.06 -12.06
CA ASN C 184 17.02 0.68 -13.21
C ASN C 184 18.25 1.47 -12.78
N ILE C 185 19.02 0.91 -11.84
CA ILE C 185 20.28 1.52 -11.41
C ILE C 185 21.41 1.02 -12.29
N THR C 186 22.10 1.94 -12.96
CA THR C 186 23.15 1.58 -13.91
C THR C 186 24.40 2.36 -13.57
N VAL C 187 25.52 1.66 -13.44
CA VAL C 187 26.84 2.26 -13.32
C VAL C 187 27.68 1.68 -14.44
N LYS C 188 27.82 2.42 -15.54
CA LYS C 188 28.39 1.84 -16.76
C LYS C 188 29.40 2.81 -17.36
N GLN C 189 30.37 2.25 -18.07
CA GLN C 189 31.29 3.02 -18.90
C GLN C 189 31.29 2.36 -20.28
N HIS C 190 30.72 3.05 -21.26
CA HIS C 190 30.54 2.51 -22.60
C HIS C 190 31.30 3.33 -23.62
N THR C 191 31.97 2.63 -24.54
CA THR C 191 32.75 3.26 -25.59
C THR C 191 32.38 2.63 -26.93
N VAL C 192 32.12 3.48 -27.93
CA VAL C 192 31.82 3.04 -29.29
C VAL C 192 32.92 3.58 -30.20
N THR C 193 33.58 2.68 -30.94
CA THR C 193 34.64 3.04 -31.87
C THR C 193 34.25 2.64 -33.29
N THR C 194 34.28 3.60 -34.20
CA THR C 194 33.98 3.36 -35.62
C THR C 194 34.98 4.17 -36.44
N THR C 195 36.10 3.54 -36.79
CA THR C 195 37.18 4.17 -37.55
C THR C 195 37.28 3.54 -38.93
N THR C 196 37.28 4.39 -39.97
CA THR C 196 37.39 3.94 -41.36
C THR C 196 38.68 4.46 -41.97
N LYS C 197 39.48 3.53 -42.51
CA LYS C 197 40.78 3.81 -43.16
C LYS C 197 41.62 4.83 -42.39
N GLY C 198 41.74 4.58 -41.08
CA GLY C 198 42.59 5.41 -40.23
C GLY C 198 44.07 5.10 -40.31
N GLU C 199 44.86 6.06 -40.78
CA GLU C 199 46.29 5.90 -41.06
C GLU C 199 47.08 6.75 -40.08
N ASN C 200 48.06 6.13 -39.42
CA ASN C 200 48.99 6.82 -38.52
C ASN C 200 48.26 7.57 -37.41
N PHE C 201 47.22 6.99 -36.83
CA PHE C 201 46.50 7.71 -35.79
C PHE C 201 46.52 6.93 -34.48
N THR C 202 46.52 7.68 -33.38
CA THR C 202 46.53 7.15 -32.03
C THR C 202 45.17 7.39 -31.39
N GLU C 203 44.58 6.35 -30.81
CA GLU C 203 43.30 6.45 -30.14
C GLU C 203 43.51 6.20 -28.66
N THR C 204 43.07 7.14 -27.83
CA THR C 204 43.19 7.04 -26.38
C THR C 204 41.81 7.21 -25.76
N ASP C 205 41.39 6.21 -24.99
CA ASP C 205 40.08 6.20 -24.33
C ASP C 205 40.33 5.81 -22.88
N ILE C 206 40.41 6.82 -22.01
CA ILE C 206 40.64 6.61 -20.58
C ILE C 206 39.39 7.06 -19.85
N LYS C 207 38.82 6.16 -19.04
CA LYS C 207 37.64 6.44 -18.23
C LYS C 207 37.96 5.99 -16.81
N MET C 208 38.53 6.92 -16.02
CA MET C 208 38.79 6.62 -14.62
C MET C 208 37.47 6.57 -13.86
N MET C 209 37.35 5.58 -12.99
CA MET C 209 36.12 5.37 -12.19
C MET C 209 36.58 4.94 -10.81
N GLU C 210 36.72 5.92 -9.91
CA GLU C 210 37.23 5.70 -8.57
C GLU C 210 36.29 6.35 -7.55
N ARG C 211 35.90 5.58 -6.54
CA ARG C 211 35.08 6.09 -5.44
C ARG C 211 33.81 6.75 -5.96
N VAL C 212 33.24 6.16 -7.02
CA VAL C 212 32.15 6.82 -7.74
C VAL C 212 30.84 6.73 -6.96
N VAL C 213 30.53 5.55 -6.43
CA VAL C 213 29.39 5.38 -5.52
C VAL C 213 29.89 4.68 -4.27
N GLU C 214 29.78 5.35 -3.12
CA GLU C 214 30.22 4.72 -1.88
C GLU C 214 29.09 3.94 -1.20
N GLN C 215 27.88 4.51 -1.18
CA GLN C 215 26.74 3.80 -0.61
C GLN C 215 25.51 4.07 -1.47
N MET C 216 24.60 3.11 -1.49
CA MET C 216 23.37 3.23 -2.24
C MET C 216 22.35 2.25 -1.67
N CYS C 217 21.11 2.73 -1.50
CA CYS C 217 20.01 1.91 -0.99
C CYS C 217 20.35 1.25 0.35
N ILE C 218 21.01 2.01 1.23
CA ILE C 218 21.40 1.51 2.54
C ILE C 218 20.24 1.76 3.48
N THR C 219 19.38 0.76 3.64
CA THR C 219 18.26 0.82 4.58
C THR C 219 18.75 0.28 5.92
N GLN C 220 19.35 1.16 6.72
CA GLN C 220 19.97 0.77 7.98
C GLN C 220 19.22 1.41 9.14
N TYR C 221 18.80 0.58 10.09
CA TYR C 221 18.16 1.05 11.32
C TYR C 221 19.17 0.90 12.46
N GLN C 222 19.45 2.01 13.13
CA GLN C 222 20.48 2.05 14.16
C GLN C 222 19.87 2.44 15.50
N ARG C 223 20.23 1.70 16.55
CA ARG C 223 19.81 2.01 17.91
C ARG C 223 21.01 1.77 18.82
N GLU C 224 21.65 2.85 19.27
CA GLU C 224 22.85 2.78 20.10
C GLU C 224 23.94 1.95 19.44
N SER C 225 24.06 2.08 18.13
CA SER C 225 24.96 1.27 17.33
C SER C 225 25.92 2.16 16.56
N GLN C 226 26.90 1.52 15.91
CA GLN C 226 27.91 2.23 15.13
C GLN C 226 28.11 1.54 13.80
N ALA C 227 28.26 2.33 12.74
CA ALA C 227 28.55 1.83 11.41
C ALA C 227 29.71 2.61 10.83
N TYR C 228 30.73 1.91 10.33
CA TYR C 228 31.92 2.53 9.77
C TYR C 228 32.08 2.09 8.33
N TYR C 229 32.14 3.07 7.42
CA TYR C 229 32.26 2.78 5.99
C TYR C 229 33.61 3.25 5.45
N GLY D 92 -38.43 -1.46 32.56
CA GLY D 92 -37.31 -0.84 33.26
C GLY D 92 -35.99 -1.53 33.00
N TRP D 93 -35.66 -1.69 31.72
CA TRP D 93 -34.43 -2.34 31.33
C TRP D 93 -33.29 -1.32 31.27
N GLY D 94 -32.09 -1.79 30.91
CA GLY D 94 -30.95 -0.92 30.82
C GLY D 94 -29.83 -1.45 29.94
N GLN D 95 -29.31 -0.61 29.06
CA GLN D 95 -28.19 -0.95 28.19
C GLN D 95 -26.96 -0.17 28.62
N GLY D 96 -25.86 -0.87 28.87
CA GLY D 96 -24.66 -0.21 29.32
C GLY D 96 -24.06 0.69 28.26
N GLY D 97 -23.39 1.75 28.72
CA GLY D 97 -22.77 2.67 27.79
C GLY D 97 -21.66 2.01 27.00
N THR D 98 -21.52 2.43 25.75
CA THR D 98 -20.55 1.87 24.83
C THR D 98 -19.34 2.80 24.73
N HIS D 99 -18.17 2.29 25.10
CA HIS D 99 -16.90 2.99 24.92
C HIS D 99 -16.05 2.17 23.97
N SER D 100 -16.26 2.38 22.68
CA SER D 100 -15.67 1.56 21.63
C SER D 100 -14.91 2.43 20.65
N GLN D 101 -13.77 1.94 20.19
CA GLN D 101 -12.92 2.67 19.26
C GLN D 101 -12.63 1.81 18.04
N TRP D 102 -12.93 2.34 16.85
CA TRP D 102 -12.57 1.63 15.63
C TRP D 102 -11.07 1.47 15.48
N ASN D 103 -10.29 2.39 16.07
CA ASN D 103 -8.84 2.32 16.05
C ASN D 103 -8.33 3.08 17.27
N LYS D 104 -7.72 2.36 18.21
CA LYS D 104 -7.20 2.95 19.44
C LYS D 104 -5.74 2.56 19.62
N PRO D 105 -4.83 3.18 18.87
CA PRO D 105 -3.40 2.91 19.07
C PRO D 105 -2.79 3.81 20.12
N SER D 106 -2.13 3.23 21.11
CA SER D 106 -1.53 3.98 22.20
C SER D 106 -0.03 4.12 21.97
N LYS D 107 0.45 5.37 21.98
CA LYS D 107 1.86 5.69 21.79
C LYS D 107 2.48 5.00 20.57
N PRO D 108 1.96 5.24 19.35
CA PRO D 108 2.58 4.68 18.15
C PRO D 108 3.79 5.48 17.71
N LYS D 109 4.98 4.93 17.96
CA LYS D 109 6.24 5.54 17.56
C LYS D 109 6.69 4.86 16.27
N THR D 110 6.65 5.59 15.16
CA THR D 110 6.87 5.02 13.85
C THR D 110 7.81 5.89 13.03
N ASN D 111 8.71 5.25 12.29
CA ASN D 111 9.61 5.92 11.35
C ASN D 111 9.44 5.28 9.98
N MET D 112 9.09 6.09 8.99
CA MET D 112 8.88 5.61 7.63
C MET D 112 9.26 6.70 6.65
N LYS D 113 9.13 6.40 5.35
CA LYS D 113 9.45 7.37 4.31
C LYS D 113 8.23 7.74 3.48
N HIS D 114 7.55 6.78 2.88
CA HIS D 114 6.45 7.07 1.95
C HIS D 114 5.19 6.33 2.39
N VAL D 115 4.08 7.06 2.45
CA VAL D 115 2.77 6.49 2.72
C VAL D 115 1.89 6.89 1.54
N ALA D 116 1.80 6.01 0.55
CA ALA D 116 1.04 6.26 -0.67
C ALA D 116 -0.15 5.31 -0.75
N GLY D 117 -1.36 5.87 -0.77
CA GLY D 117 -2.55 5.06 -0.92
C GLY D 117 -2.73 4.01 0.15
N ALA D 118 -2.35 4.34 1.39
CA ALA D 118 -2.30 3.36 2.46
C ALA D 118 -2.76 4.01 3.75
N ALA D 119 -2.55 3.31 4.87
CA ALA D 119 -2.83 3.84 6.19
C ALA D 119 -1.67 3.51 7.11
N ALA D 120 -1.29 4.46 7.96
CA ALA D 120 -0.15 4.27 8.83
C ALA D 120 -0.26 5.20 10.03
N ALA D 121 0.54 4.91 11.05
CA ALA D 121 0.58 5.69 12.28
C ALA D 121 -0.80 5.84 12.92
N GLY D 122 -1.54 4.74 12.95
CA GLY D 122 -2.84 4.71 13.60
C GLY D 122 -3.87 5.61 12.95
N ALA D 123 -3.98 5.55 11.62
CA ALA D 123 -4.90 6.39 10.87
C ALA D 123 -5.92 5.51 10.15
N VAL D 124 -7.16 6.00 10.08
CA VAL D 124 -8.26 5.28 9.46
C VAL D 124 -8.60 5.96 8.15
N VAL D 125 -8.61 5.19 7.06
CA VAL D 125 -8.94 5.73 5.73
C VAL D 125 -10.45 5.55 5.57
N GLY D 126 -11.20 6.49 6.11
CA GLY D 126 -12.62 6.57 5.80
C GLY D 126 -13.54 5.70 6.62
N GLY D 127 -14.54 6.31 7.23
CA GLY D 127 -15.65 5.58 7.79
C GLY D 127 -16.89 5.78 6.93
N LEU D 128 -17.29 4.73 6.21
CA LEU D 128 -18.27 4.85 5.13
C LEU D 128 -17.82 5.88 4.09
N GLY D 129 -16.50 5.90 3.83
CA GLY D 129 -15.92 6.84 2.91
C GLY D 129 -14.46 6.56 2.65
N GLY D 130 -13.69 7.60 2.34
CA GLY D 130 -12.28 7.44 2.04
C GLY D 130 -11.94 7.92 0.64
N TYR D 131 -11.54 7.01 -0.23
CA TYR D 131 -11.25 7.30 -1.63
C TYR D 131 -12.25 6.51 -2.47
N MET D 132 -13.42 7.10 -2.68
CA MET D 132 -14.54 6.44 -3.35
C MET D 132 -14.97 7.33 -4.52
N LEU D 133 -14.31 7.15 -5.66
CA LEU D 133 -14.52 8.05 -6.80
C LEU D 133 -15.97 8.01 -7.26
N GLY D 134 -16.50 6.82 -7.53
CA GLY D 134 -17.88 6.69 -7.93
C GLY D 134 -18.71 5.90 -6.93
N SER D 135 -19.61 6.59 -6.22
CA SER D 135 -20.39 5.96 -5.18
C SER D 135 -21.82 6.47 -5.23
N ALA D 136 -22.73 5.64 -4.72
CA ALA D 136 -24.14 6.00 -4.60
C ALA D 136 -24.72 5.24 -3.42
N MET D 137 -24.98 5.95 -2.33
CA MET D 137 -25.45 5.34 -1.08
C MET D 137 -26.78 5.93 -0.69
N SER D 138 -27.79 5.07 -0.50
CA SER D 138 -29.12 5.49 -0.11
C SER D 138 -29.28 5.36 1.41
N ARG D 139 -29.73 6.44 2.04
CA ARG D 139 -29.90 6.51 3.49
C ARG D 139 -28.64 6.08 4.25
N PRO D 140 -27.50 6.76 4.05
CA PRO D 140 -26.31 6.45 4.83
C PRO D 140 -26.33 7.20 6.15
N LEU D 141 -26.32 6.46 7.26
CA LEU D 141 -26.53 7.03 8.58
C LEU D 141 -25.37 6.64 9.50
N ILE D 142 -24.80 7.64 10.18
CA ILE D 142 -23.80 7.45 11.22
C ILE D 142 -24.23 8.23 12.45
N HIS D 143 -24.47 7.52 13.55
CA HIS D 143 -24.83 8.19 14.80
C HIS D 143 -24.18 7.47 15.98
N PHE D 144 -23.23 8.13 16.63
CA PHE D 144 -22.57 7.53 17.79
C PHE D 144 -23.49 7.41 18.99
N GLY D 145 -24.55 8.22 19.05
CA GLY D 145 -25.45 8.16 20.19
C GLY D 145 -26.33 6.93 20.16
N ASN D 146 -27.02 6.72 21.29
CA ASN D 146 -27.93 5.59 21.42
C ASN D 146 -29.12 5.74 20.46
N ASP D 147 -29.61 4.62 19.98
CA ASP D 147 -30.71 4.57 19.02
C ASP D 147 -31.89 3.84 19.64
N TYR D 148 -33.07 4.46 19.54
CA TYR D 148 -34.32 3.85 20.00
C TYR D 148 -35.34 3.95 18.87
N GLU D 149 -35.99 2.83 18.56
CA GLU D 149 -36.99 2.77 17.51
C GLU D 149 -38.21 2.02 18.00
N ASP D 150 -39.38 2.67 17.91
CA ASP D 150 -40.66 2.06 18.24
C ASP D 150 -41.56 2.22 17.02
N ARG D 151 -41.49 1.25 16.10
CA ARG D 151 -42.16 1.33 14.82
C ARG D 151 -43.43 0.50 14.83
N TYR D 152 -44.52 1.08 14.35
CA TYR D 152 -45.80 0.40 14.17
C TYR D 152 -46.26 0.70 12.75
N TYR D 153 -45.89 -0.18 11.82
CA TYR D 153 -46.23 -0.02 10.40
C TYR D 153 -47.40 -0.93 10.08
N ARG D 154 -48.46 -0.35 9.53
CA ARG D 154 -49.68 -1.10 9.20
C ARG D 154 -50.15 -0.70 7.81
N GLU D 155 -50.25 -1.69 6.93
CA GLU D 155 -50.80 -1.49 5.57
C GLU D 155 -50.05 -0.41 4.81
N ASN D 156 -48.72 -0.37 4.98
CA ASN D 156 -47.88 0.61 4.30
C ASN D 156 -47.27 -0.03 3.05
N MET D 157 -47.41 0.66 1.92
CA MET D 157 -46.90 0.17 0.64
C MET D 157 -45.58 0.86 0.36
N TYR D 158 -44.48 0.13 0.55
CA TYR D 158 -43.14 0.65 0.30
C TYR D 158 -42.67 0.09 -1.05
N ARG D 159 -42.68 0.94 -2.07
CA ARG D 159 -42.28 0.56 -3.41
C ARG D 159 -40.86 1.06 -3.65
N TYR D 160 -39.91 0.13 -3.70
CA TYR D 160 -38.49 0.44 -3.91
C TYR D 160 -37.95 1.49 -2.94
N PRO D 161 -38.01 1.24 -1.63
CA PRO D 161 -37.41 2.18 -0.68
C PRO D 161 -35.90 2.01 -0.59
N ASN D 162 -35.21 3.13 -0.49
CA ASN D 162 -33.74 3.17 -0.43
C ASN D 162 -33.13 2.47 -1.63
N GLN D 163 -33.71 2.69 -2.81
CA GLN D 163 -33.24 2.05 -4.03
C GLN D 163 -32.04 2.80 -4.58
N VAL D 164 -31.00 2.07 -4.96
CA VAL D 164 -29.79 2.63 -5.54
C VAL D 164 -29.75 2.21 -7.00
N TYR D 165 -30.22 3.08 -7.89
CA TYR D 165 -30.18 2.82 -9.33
C TYR D 165 -28.83 3.31 -9.86
N TYR D 166 -27.82 2.46 -9.70
CA TYR D 166 -26.45 2.79 -10.08
C TYR D 166 -26.24 2.33 -11.52
N ARG D 167 -26.45 3.25 -12.46
CA ARG D 167 -26.34 2.96 -13.89
C ARG D 167 -25.49 4.03 -14.58
N PRO D 168 -24.18 4.05 -14.33
CA PRO D 168 -23.32 4.99 -15.04
C PRO D 168 -23.02 4.51 -16.45
N VAL D 169 -22.97 5.48 -17.37
CA VAL D 169 -22.65 5.21 -18.77
C VAL D 169 -21.53 6.14 -19.19
N ASP D 170 -20.46 5.58 -19.75
CA ASP D 170 -19.32 6.34 -20.28
C ASP D 170 -18.76 7.28 -19.23
N GLN D 171 -18.54 6.76 -18.03
CA GLN D 171 -18.00 7.55 -16.94
C GLN D 171 -16.48 7.58 -17.05
N TYR D 172 -15.92 8.75 -17.36
CA TYR D 172 -14.48 8.93 -17.49
C TYR D 172 -14.05 9.99 -16.48
N ASN D 173 -13.79 9.57 -15.24
CA ASN D 173 -13.45 10.47 -14.16
C ASN D 173 -12.05 10.15 -13.64
N ASN D 174 -11.33 11.20 -13.27
CA ASN D 174 -9.95 11.07 -12.79
C ASN D 174 -9.81 11.82 -11.47
N GLN D 175 -9.49 11.10 -10.41
CA GLN D 175 -9.17 11.69 -9.10
C GLN D 175 -7.85 11.06 -8.66
N ASN D 176 -6.74 11.64 -9.10
CA ASN D 176 -5.42 11.07 -8.90
C ASN D 176 -4.54 12.03 -8.11
N THR D 177 -3.66 11.45 -7.30
CA THR D 177 -2.68 12.21 -6.53
C THR D 177 -1.30 11.99 -7.15
N PHE D 178 -0.66 13.07 -7.58
CA PHE D 178 0.65 13.03 -8.21
C PHE D 178 1.66 13.77 -7.33
N VAL D 179 2.73 13.07 -6.95
CA VAL D 179 3.81 13.65 -6.16
C VAL D 179 5.11 13.40 -6.91
N HIS D 180 5.76 14.48 -7.34
CA HIS D 180 7.04 14.42 -8.06
C HIS D 180 8.07 15.17 -7.23
N ASP D 181 8.96 14.42 -6.58
CA ASP D 181 9.99 14.97 -5.71
C ASP D 181 11.36 14.60 -6.26
N CYS D 182 12.19 15.61 -6.56
CA CYS D 182 13.55 15.40 -7.04
C CYS D 182 13.56 14.54 -8.31
N VAL D 183 12.65 14.87 -9.21
CA VAL D 183 12.49 14.18 -10.49
C VAL D 183 13.19 14.99 -11.56
N ASN D 184 13.67 14.30 -12.60
CA ASN D 184 14.35 14.92 -13.74
C ASN D 184 15.58 15.71 -13.28
N ILE D 185 16.33 15.15 -12.33
CA ILE D 185 17.58 15.77 -11.87
C ILE D 185 18.72 15.27 -12.75
N THR D 186 19.42 16.19 -13.39
CA THR D 186 20.48 15.84 -14.33
C THR D 186 21.74 16.62 -13.98
N VAL D 187 22.86 15.92 -13.83
CA VAL D 187 24.16 16.52 -13.69
C VAL D 187 25.03 15.95 -14.79
N LYS D 188 25.18 16.69 -15.89
CA LYS D 188 25.77 16.13 -17.10
C LYS D 188 26.78 17.09 -17.69
N GLN D 189 27.77 16.54 -18.38
CA GLN D 189 28.70 17.32 -19.20
C GLN D 189 28.72 16.67 -20.57
N HIS D 190 28.17 17.37 -21.57
CA HIS D 190 28.00 16.82 -22.90
C HIS D 190 28.79 17.65 -23.91
N THR D 191 29.46 16.96 -24.83
CA THR D 191 30.27 17.61 -25.87
C THR D 191 29.91 16.98 -27.22
N VAL D 192 29.67 17.83 -28.21
CA VAL D 192 29.40 17.40 -29.58
C VAL D 192 30.50 17.95 -30.47
N THR D 193 31.16 17.06 -31.20
CA THR D 193 32.25 17.42 -32.11
C THR D 193 31.87 17.02 -33.53
N THR D 194 31.92 18.00 -34.44
CA THR D 194 31.64 17.76 -35.88
C THR D 194 32.65 18.58 -36.68
N THR D 195 33.78 17.94 -37.01
CA THR D 195 34.86 18.59 -37.75
C THR D 195 34.98 17.97 -39.14
N THR D 196 35.00 18.81 -40.16
CA THR D 196 35.13 18.39 -41.56
C THR D 196 36.44 18.90 -42.14
N LYS D 197 37.25 17.98 -42.67
CA LYS D 197 38.55 18.26 -43.30
C LYS D 197 39.38 19.27 -42.51
N GLY D 198 39.49 19.03 -41.21
CA GLY D 198 40.32 19.84 -40.34
C GLY D 198 41.81 19.54 -40.40
N GLU D 199 42.59 20.51 -40.86
CA GLU D 199 44.03 20.34 -41.11
C GLU D 199 44.80 21.19 -40.11
N ASN D 200 45.77 20.57 -39.43
CA ASN D 200 46.69 21.25 -38.52
C ASN D 200 45.94 22.00 -37.42
N PHE D 201 44.90 21.41 -36.86
CA PHE D 201 44.16 22.12 -35.83
C PHE D 201 44.16 21.34 -34.52
N THR D 202 44.14 22.08 -33.42
CA THR D 202 44.13 21.55 -32.07
C THR D 202 42.76 21.79 -31.45
N GLU D 203 42.17 20.74 -30.89
CA GLU D 203 40.88 20.83 -30.23
C GLU D 203 41.07 20.57 -28.75
N THR D 204 40.61 21.50 -27.92
CA THR D 204 40.71 21.39 -26.47
C THR D 204 39.32 21.55 -25.87
N ASP D 205 38.89 20.56 -25.11
CA ASP D 205 37.58 20.55 -24.48
C ASP D 205 37.80 20.15 -23.02
N ILE D 206 37.86 21.15 -22.14
CA ILE D 206 38.07 20.92 -20.71
C ILE D 206 36.80 21.37 -20.00
N LYS D 207 36.23 20.47 -19.20
CA LYS D 207 35.03 20.74 -18.40
C LYS D 207 35.34 20.29 -16.99
N MET D 208 35.89 21.20 -16.18
CA MET D 208 36.13 20.90 -14.78
C MET D 208 34.80 20.85 -14.05
N MET D 209 34.66 19.85 -13.18
CA MET D 209 33.43 19.63 -12.41
C MET D 209 33.85 19.21 -11.00
N GLU D 210 33.99 20.19 -10.11
CA GLU D 210 34.48 19.94 -8.76
C GLU D 210 33.53 20.59 -7.76
N ARG D 211 33.13 19.82 -6.75
CA ARG D 211 32.27 20.31 -5.66
C ARG D 211 31.01 20.98 -6.20
N VAL D 212 30.47 20.40 -7.27
CA VAL D 212 29.39 21.05 -8.01
C VAL D 212 28.07 20.96 -7.25
N VAL D 213 27.75 19.78 -6.73
CA VAL D 213 26.60 19.61 -5.84
C VAL D 213 27.07 18.89 -4.57
N GLU D 214 26.95 19.55 -3.43
CA GLU D 214 27.38 18.92 -2.19
C GLU D 214 26.23 18.14 -1.53
N GLN D 215 25.03 18.69 -1.52
CA GLN D 215 23.88 18.00 -0.97
C GLN D 215 22.66 18.27 -1.84
N MET D 216 21.75 17.30 -1.89
CA MET D 216 20.53 17.43 -2.65
C MET D 216 19.51 16.43 -2.11
N CYS D 217 18.26 16.91 -1.95
CA CYS D 217 17.15 16.08 -1.47
C CYS D 217 17.49 15.43 -0.13
N ILE D 218 18.12 16.19 0.77
CA ILE D 218 18.50 15.67 2.08
C ILE D 218 17.31 15.92 3.01
N THR D 219 16.45 14.91 3.15
CA THR D 219 15.32 14.97 4.07
C THR D 219 15.80 14.41 5.41
N GLN D 220 16.38 15.29 6.22
CA GLN D 220 16.98 14.90 7.49
C GLN D 220 16.21 15.53 8.65
N TYR D 221 15.78 14.69 9.59
CA TYR D 221 15.13 15.16 10.81
C TYR D 221 16.11 15.00 11.96
N GLN D 222 16.39 16.11 12.65
CA GLN D 222 17.40 16.15 13.69
C GLN D 222 16.76 16.53 15.03
N ARG D 223 17.12 15.78 16.07
CA ARG D 223 16.67 16.09 17.44
C ARG D 223 17.86 15.84 18.36
N GLU D 224 18.49 16.93 18.82
CA GLU D 224 19.67 16.86 19.68
C GLU D 224 20.78 16.03 19.03
N SER D 225 20.92 16.16 17.71
CA SER D 225 21.84 15.35 16.93
C SER D 225 22.81 16.25 16.17
N GLN D 226 23.80 15.62 15.53
CA GLN D 226 24.81 16.34 14.78
C GLN D 226 25.04 15.65 13.44
N ALA D 227 25.19 16.45 12.40
CA ALA D 227 25.50 15.95 11.06
C ALA D 227 26.68 16.74 10.50
N TYR D 228 27.69 16.05 10.01
CA TYR D 228 28.90 16.66 9.49
C TYR D 228 29.07 16.23 8.03
N TYR D 229 29.15 17.21 7.14
CA TYR D 229 29.29 16.94 5.71
C TYR D 229 30.65 17.41 5.20
N GLY E 92 -33.98 -19.99 34.44
CA GLY E 92 -32.85 -19.36 35.10
C GLY E 92 -31.52 -20.05 34.83
N TRP E 93 -31.22 -20.23 33.54
CA TRP E 93 -29.99 -20.89 33.13
C TRP E 93 -28.86 -19.88 33.05
N GLY E 94 -27.68 -20.35 32.66
CA GLY E 94 -26.52 -19.47 32.54
C GLY E 94 -25.43 -20.02 31.65
N GLN E 95 -24.93 -19.18 30.75
CA GLN E 95 -23.83 -19.54 29.86
C GLN E 95 -22.59 -18.74 30.26
N GLY E 96 -21.49 -19.45 30.49
CA GLY E 96 -20.27 -18.79 30.92
C GLY E 96 -19.69 -17.90 29.84
N GLY E 97 -19.01 -16.84 30.28
CA GLY E 97 -18.41 -15.92 29.33
C GLY E 97 -17.31 -16.60 28.52
N THR E 98 -17.19 -16.18 27.26
CA THR E 98 -16.24 -16.75 26.32
C THR E 98 -15.04 -15.83 26.19
N HIS E 99 -13.86 -16.34 26.54
CA HIS E 99 -12.59 -15.64 26.34
C HIS E 99 -11.77 -16.47 25.37
N SER E 100 -12.00 -16.27 24.08
CA SER E 100 -11.43 -17.10 23.04
C SER E 100 -10.68 -16.23 22.03
N GLN E 101 -9.55 -16.74 21.55
CA GLN E 101 -8.72 -16.01 20.60
C GLN E 101 -8.46 -16.88 19.38
N TRP E 102 -8.78 -16.36 18.19
CA TRP E 102 -8.46 -17.09 16.97
C TRP E 102 -6.95 -17.24 16.80
N ASN E 103 -6.17 -16.31 17.36
CA ASN E 103 -4.71 -16.39 17.31
C ASN E 103 -4.18 -15.62 18.52
N LYS E 104 -3.55 -16.33 19.45
CA LYS E 104 -3.01 -15.74 20.67
C LYS E 104 -1.55 -16.13 20.82
N PRO E 105 -0.65 -15.52 20.05
CA PRO E 105 0.79 -15.79 20.22
C PRO E 105 1.42 -14.87 21.26
N SER E 106 2.10 -15.45 22.23
CA SER E 106 2.73 -14.70 23.30
C SER E 106 4.22 -14.56 23.04
N LYS E 107 4.70 -13.32 23.03
CA LYS E 107 6.10 -13.00 22.81
C LYS E 107 6.69 -13.71 21.58
N PRO E 108 6.16 -13.47 20.38
CA PRO E 108 6.75 -14.04 19.17
C PRO E 108 7.96 -13.24 18.70
N LYS E 109 9.15 -13.79 18.93
CA LYS E 109 10.41 -13.19 18.49
C LYS E 109 10.83 -13.89 17.21
N THR E 110 10.76 -13.15 16.09
CA THR E 110 10.96 -13.74 14.77
C THR E 110 11.88 -12.87 13.94
N ASN E 111 12.77 -13.53 13.19
CA ASN E 111 13.65 -12.86 12.22
C ASN E 111 13.45 -13.51 10.86
N MET E 112 13.08 -12.71 9.87
CA MET E 112 12.84 -13.20 8.52
C MET E 112 13.21 -12.11 7.53
N LYS E 113 13.05 -12.42 6.23
CA LYS E 113 13.35 -11.46 5.17
C LYS E 113 12.11 -11.09 4.37
N HIS E 114 11.42 -12.07 3.79
CA HIS E 114 10.30 -11.78 2.88
C HIS E 114 9.05 -12.50 3.34
N VAL E 115 7.95 -11.77 3.42
CA VAL E 115 6.64 -12.34 3.72
C VAL E 115 5.74 -11.95 2.56
N ALA E 116 5.62 -12.84 1.58
CA ALA E 116 4.83 -12.58 0.37
C ALA E 116 3.66 -13.54 0.32
N GLY E 117 2.45 -12.99 0.32
CA GLY E 117 1.24 -13.79 0.20
C GLY E 117 1.08 -14.83 1.29
N ALA E 118 1.48 -14.49 2.51
CA ALA E 118 1.56 -15.46 3.59
C ALA E 118 1.12 -14.80 4.89
N ALA E 119 1.36 -15.49 6.00
CA ALA E 119 1.10 -14.96 7.32
C ALA E 119 2.28 -15.28 8.22
N ALA E 120 2.68 -14.33 9.05
CA ALA E 120 3.85 -14.51 9.91
C ALA E 120 3.75 -13.58 11.10
N ALA E 121 4.57 -13.87 12.11
CA ALA E 121 4.64 -13.07 13.33
C ALA E 121 3.28 -12.92 14.00
N GLY E 122 2.53 -14.02 14.05
CA GLY E 122 1.25 -14.03 14.72
C GLY E 122 0.20 -13.13 14.10
N ALA E 123 0.07 -13.20 12.77
CA ALA E 123 -0.87 -12.37 12.03
C ALA E 123 -1.91 -13.24 11.34
N VAL E 124 -3.15 -12.75 11.28
CA VAL E 124 -4.26 -13.48 10.69
C VAL E 124 -4.62 -12.81 9.37
N VAL E 125 -4.65 -13.59 8.30
CA VAL E 125 -5.02 -13.06 6.98
C VAL E 125 -6.52 -13.24 6.84
N GLY E 126 -7.27 -12.28 7.39
CA GLY E 126 -8.68 -12.20 7.10
C GLY E 126 -9.59 -13.07 7.95
N GLY E 127 -10.59 -12.46 8.57
CA GLY E 127 -11.69 -13.18 9.16
C GLY E 127 -12.93 -12.98 8.33
N LEU E 128 -13.36 -14.03 7.62
CA LEU E 128 -14.34 -13.93 6.56
C LEU E 128 -13.91 -12.90 5.51
N GLY E 129 -12.62 -12.89 5.22
CA GLY E 129 -12.04 -11.95 4.27
C GLY E 129 -10.59 -12.23 3.99
N GLY E 130 -9.82 -11.20 3.66
CA GLY E 130 -8.43 -11.37 3.33
C GLY E 130 -8.11 -10.89 1.93
N TYR E 131 -7.73 -11.82 1.05
CA TYR E 131 -7.46 -11.54 -0.35
C TYR E 131 -8.48 -12.33 -1.16
N MET E 132 -9.66 -11.75 -1.35
CA MET E 132 -10.79 -12.40 -2.00
C MET E 132 -11.24 -11.52 -3.17
N LEU E 133 -10.60 -11.71 -4.33
CA LEU E 133 -10.83 -10.82 -5.46
C LEU E 133 -12.30 -10.86 -5.90
N GLY E 134 -12.82 -12.06 -6.14
CA GLY E 134 -14.22 -12.18 -6.52
C GLY E 134 -15.02 -12.95 -5.50
N SER E 135 -15.91 -12.26 -4.78
CA SER E 135 -16.68 -12.89 -3.71
C SER E 135 -18.11 -12.38 -3.73
N ALA E 136 -19.01 -13.20 -3.19
CA ALA E 136 -20.41 -12.83 -3.07
C ALA E 136 -20.96 -13.58 -1.86
N MET E 137 -21.20 -12.87 -0.76
CA MET E 137 -21.65 -13.47 0.48
C MET E 137 -22.98 -12.87 0.90
N SER E 138 -23.98 -13.73 1.12
CA SER E 138 -25.30 -13.30 1.54
C SER E 138 -25.42 -13.41 3.06
N ARG E 139 -25.88 -12.34 3.69
CA ARG E 139 -26.00 -12.25 5.14
C ARG E 139 -24.73 -12.68 5.88
N PRO E 140 -23.60 -12.01 5.64
CA PRO E 140 -22.40 -12.32 6.41
C PRO E 140 -22.39 -11.56 7.73
N LEU E 141 -22.36 -12.29 8.84
CA LEU E 141 -22.54 -11.70 10.17
C LEU E 141 -21.36 -12.08 11.06
N ILE E 142 -20.78 -11.08 11.72
CA ILE E 142 -19.76 -11.27 12.74
C ILE E 142 -20.16 -10.48 13.97
N HIS E 143 -20.38 -11.18 15.09
CA HIS E 143 -20.71 -10.49 16.34
C HIS E 143 -20.04 -11.21 17.51
N PHE E 144 -19.08 -10.54 18.13
CA PHE E 144 -18.39 -11.14 19.28
C PHE E 144 -19.29 -11.25 20.50
N GLY E 145 -20.35 -10.44 20.59
CA GLY E 145 -21.23 -10.49 21.73
C GLY E 145 -22.10 -11.72 21.74
N ASN E 146 -22.78 -11.92 22.88
CA ASN E 146 -23.69 -13.04 23.03
C ASN E 146 -24.89 -12.90 22.10
N ASP E 147 -25.40 -14.03 21.62
CA ASP E 147 -26.51 -14.08 20.70
C ASP E 147 -27.68 -14.80 21.35
N TYR E 148 -28.87 -14.19 21.27
CA TYR E 148 -30.10 -14.78 21.75
C TYR E 148 -31.14 -14.69 20.65
N GLU E 149 -31.80 -15.81 20.36
CA GLU E 149 -32.82 -15.87 19.32
C GLU E 149 -34.04 -16.61 19.85
N ASP E 150 -35.21 -15.98 19.76
CA ASP E 150 -36.49 -16.57 20.13
C ASP E 150 -37.41 -16.43 18.93
N ARG E 151 -37.36 -17.40 18.02
CA ARG E 151 -38.05 -17.33 16.75
C ARG E 151 -39.32 -18.16 16.80
N TYR E 152 -40.42 -17.57 16.32
CA TYR E 152 -41.70 -18.26 16.18
C TYR E 152 -42.20 -17.96 14.76
N TYR E 153 -41.84 -18.85 13.83
CA TYR E 153 -42.20 -18.70 12.42
C TYR E 153 -43.39 -19.61 12.14
N ARG E 154 -44.46 -19.03 11.59
CA ARG E 154 -45.68 -19.78 11.30
C ARG E 154 -46.18 -19.40 9.92
N GLU E 155 -46.31 -20.39 9.04
CA GLU E 155 -46.88 -20.20 7.70
C GLU E 155 -46.14 -19.12 6.90
N ASN E 156 -44.82 -19.08 7.05
CA ASN E 156 -43.98 -18.12 6.34
C ASN E 156 -43.40 -18.76 5.10
N MET E 157 -43.56 -18.09 3.96
CA MET E 157 -43.08 -18.58 2.67
C MET E 157 -41.75 -17.89 2.36
N TYR E 158 -40.65 -18.62 2.54
CA TYR E 158 -39.32 -18.12 2.25
C TYR E 158 -38.88 -18.68 0.90
N ARG E 159 -38.91 -17.84 -0.13
CA ARG E 159 -38.53 -18.24 -1.47
C ARG E 159 -37.11 -17.74 -1.74
N TYR E 160 -36.17 -18.67 -1.80
CA TYR E 160 -34.76 -18.36 -2.04
C TYR E 160 -34.19 -17.31 -1.09
N PRO E 161 -34.23 -17.55 0.22
CA PRO E 161 -33.61 -16.60 1.16
C PRO E 161 -32.10 -16.78 1.21
N ASN E 162 -31.40 -15.65 1.30
CA ASN E 162 -29.93 -15.61 1.32
C ASN E 162 -29.34 -16.33 0.11
N GLN E 163 -29.95 -16.12 -1.05
CA GLN E 163 -29.51 -16.76 -2.28
C GLN E 163 -28.31 -16.02 -2.86
N VAL E 164 -27.29 -16.76 -3.25
CA VAL E 164 -26.08 -16.20 -3.86
C VAL E 164 -26.07 -16.64 -5.32
N TYR E 165 -26.56 -15.76 -6.20
CA TYR E 165 -26.55 -16.03 -7.64
C TYR E 165 -25.22 -15.56 -8.21
N TYR E 166 -24.20 -16.41 -8.05
CA TYR E 166 -22.84 -16.08 -8.47
C TYR E 166 -22.65 -16.55 -9.91
N ARG E 167 -22.89 -15.64 -10.85
CA ARG E 167 -22.81 -15.94 -12.29
C ARG E 167 -21.96 -14.87 -12.99
N PRO E 168 -20.65 -14.87 -12.76
CA PRO E 168 -19.80 -13.93 -13.50
C PRO E 168 -19.53 -14.41 -14.92
N VAL E 169 -19.49 -13.46 -15.85
CA VAL E 169 -19.21 -13.73 -17.25
C VAL E 169 -18.09 -12.80 -17.70
N ASP E 170 -17.03 -13.39 -18.28
CA ASP E 170 -15.91 -12.63 -18.83
C ASP E 170 -15.32 -11.67 -17.80
N GLN E 171 -15.08 -12.18 -16.61
CA GLN E 171 -14.52 -11.38 -15.52
C GLN E 171 -13.00 -11.36 -15.67
N TYR E 172 -12.44 -10.20 -16.00
CA TYR E 172 -11.00 -10.02 -16.16
C TYR E 172 -10.55 -8.95 -15.16
N ASN E 173 -10.28 -9.37 -13.93
CA ASN E 173 -9.90 -8.45 -12.86
C ASN E 173 -8.50 -8.77 -12.38
N ASN E 174 -7.76 -7.73 -12.02
CA ASN E 174 -6.38 -7.85 -11.57
C ASN E 174 -6.20 -7.09 -10.26
N GLN E 175 -5.87 -7.81 -9.19
CA GLN E 175 -5.53 -7.22 -7.90
C GLN E 175 -4.20 -7.83 -7.47
N ASN E 176 -3.10 -7.26 -7.94
CA ASN E 176 -1.77 -7.84 -7.77
C ASN E 176 -0.87 -6.87 -7.00
N THR E 177 0.02 -7.44 -6.20
CA THR E 177 1.03 -6.69 -5.47
C THR E 177 2.38 -6.91 -6.11
N PHE E 178 3.02 -5.82 -6.55
CA PHE E 178 4.32 -5.88 -7.21
C PHE E 178 5.34 -5.14 -6.36
N VAL E 179 6.42 -5.83 -5.99
CA VAL E 179 7.51 -5.26 -5.23
C VAL E 179 8.80 -5.51 -6.01
N HIS E 180 9.44 -4.43 -6.46
CA HIS E 180 10.71 -4.51 -7.19
C HIS E 180 11.76 -3.75 -6.40
N ASP E 181 12.66 -4.49 -5.75
CA ASP E 181 13.72 -3.93 -4.91
C ASP E 181 15.07 -4.32 -5.49
N CYS E 182 15.89 -3.31 -5.80
CA CYS E 182 17.24 -3.53 -6.32
C CYS E 182 17.22 -4.39 -7.57
N VAL E 183 16.30 -4.08 -8.46
CA VAL E 183 16.11 -4.78 -9.72
C VAL E 183 16.79 -3.97 -10.82
N ASN E 184 17.24 -4.67 -11.87
CA ASN E 184 17.91 -4.06 -13.02
C ASN E 184 19.14 -3.26 -12.59
N ILE E 185 19.91 -3.82 -11.67
CA ILE E 185 21.17 -3.20 -11.23
C ILE E 185 22.30 -3.71 -12.13
N THR E 186 22.99 -2.79 -12.78
CA THR E 186 24.02 -3.15 -13.75
C THR E 186 25.29 -2.36 -13.43
N VAL E 187 26.41 -3.08 -13.29
CA VAL E 187 27.73 -2.46 -13.18
C VAL E 187 28.56 -3.06 -14.30
N LYS E 188 28.69 -2.32 -15.40
CA LYS E 188 29.26 -2.90 -16.62
C LYS E 188 30.26 -1.94 -17.24
N GLN E 189 31.23 -2.49 -17.94
CA GLN E 189 32.15 -1.73 -18.79
C GLN E 189 32.14 -2.38 -20.16
N HIS E 190 31.57 -1.70 -21.15
CA HIS E 190 31.38 -2.24 -22.47
C HIS E 190 32.14 -1.42 -23.50
N THR E 191 32.80 -2.12 -24.43
CA THR E 191 33.58 -1.50 -25.49
C THR E 191 33.21 -2.12 -26.82
N VAL E 192 32.95 -1.29 -27.82
CA VAL E 192 32.64 -1.73 -29.18
C VAL E 192 33.72 -1.19 -30.10
N THR E 193 34.37 -2.09 -30.84
CA THR E 193 35.44 -1.72 -31.76
C THR E 193 35.05 -2.13 -33.18
N THR E 194 35.06 -1.17 -34.10
CA THR E 194 34.76 -1.41 -35.52
C THR E 194 35.77 -0.61 -36.35
N THR E 195 36.87 -1.24 -36.70
CA THR E 195 37.94 -0.61 -37.46
C THR E 195 38.04 -1.24 -38.85
N THR E 196 38.04 -0.41 -39.88
CA THR E 196 38.14 -0.84 -41.27
C THR E 196 39.44 -0.33 -41.89
N LYS E 197 40.24 -1.26 -42.42
CA LYS E 197 41.52 -0.99 -43.09
C LYS E 197 42.37 0.04 -42.32
N GLY E 198 42.50 -0.20 -41.01
CA GLY E 198 43.35 0.62 -40.17
C GLY E 198 44.83 0.31 -40.26
N GLU E 199 45.62 1.27 -40.74
CA GLU E 199 47.04 1.10 -41.02
C GLU E 199 47.84 1.96 -40.04
N ASN E 200 48.82 1.33 -39.38
CA ASN E 200 49.76 2.04 -38.48
C ASN E 200 49.04 2.79 -37.37
N PHE E 201 47.99 2.21 -36.79
CA PHE E 201 47.28 2.92 -35.75
C PHE E 201 47.31 2.16 -34.44
N THR E 202 47.31 2.91 -33.35
CA THR E 202 47.33 2.38 -31.99
C THR E 202 45.98 2.62 -31.34
N GLU E 203 45.40 1.58 -30.76
CA GLU E 203 44.11 1.68 -30.09
C GLU E 203 44.33 1.43 -28.60
N THR E 204 43.89 2.38 -27.77
CA THR E 204 44.02 2.27 -26.33
C THR E 204 42.64 2.44 -25.70
N ASP E 205 42.22 1.44 -24.93
CA ASP E 205 40.93 1.44 -24.25
C ASP E 205 41.17 1.06 -22.80
N ILE E 206 41.26 2.06 -21.94
CA ILE E 206 41.49 1.85 -20.52
C ILE E 206 40.24 2.30 -19.77
N LYS E 207 39.69 1.41 -18.96
CA LYS E 207 38.51 1.69 -18.14
C LYS E 207 38.83 1.25 -16.72
N MET E 208 39.40 2.17 -15.95
CA MET E 208 39.66 1.88 -14.55
C MET E 208 38.36 1.83 -13.78
N MET E 209 38.24 0.84 -12.90
CA MET E 209 37.02 0.63 -12.11
C MET E 209 37.48 0.22 -10.71
N GLU E 210 37.63 1.20 -9.82
CA GLU E 210 38.14 0.96 -8.48
C GLU E 210 37.22 1.62 -7.46
N ARG E 211 36.83 0.86 -6.44
CA ARG E 211 36.00 1.36 -5.34
C ARG E 211 34.73 2.03 -5.87
N VAL E 212 34.16 1.44 -6.92
CA VAL E 212 33.07 2.10 -7.63
C VAL E 212 31.77 2.01 -6.85
N VAL E 213 31.45 0.83 -6.31
CA VAL E 213 30.32 0.66 -5.39
C VAL E 213 30.82 -0.04 -4.14
N GLU E 214 30.71 0.63 -3.00
CA GLU E 214 31.16 0.00 -1.76
C GLU E 214 30.04 -0.77 -1.08
N GLN E 215 28.84 -0.21 -1.04
CA GLN E 215 27.69 -0.90 -0.47
C GLN E 215 26.46 -0.64 -1.32
N MET E 216 25.55 -1.61 -1.34
CA MET E 216 24.31 -1.49 -2.08
C MET E 216 23.29 -2.46 -1.51
N CYS E 217 22.06 -1.99 -1.33
CA CYS E 217 20.95 -2.80 -0.81
C CYS E 217 21.31 -3.45 0.52
N ILE E 218 21.97 -2.69 1.39
CA ILE E 218 22.36 -3.19 2.71
C ILE E 218 21.20 -2.94 3.66
N THR E 219 20.34 -3.94 3.82
CA THR E 219 19.23 -3.88 4.76
C THR E 219 19.73 -4.42 6.10
N GLN E 220 20.33 -3.54 6.89
CA GLN E 220 20.96 -3.92 8.15
C GLN E 220 20.22 -3.29 9.32
N TYR E 221 19.80 -4.11 10.27
CA TYR E 221 19.17 -3.64 11.50
C TYR E 221 20.17 -3.78 12.63
N GLN E 222 20.47 -2.68 13.31
CA GLN E 222 21.50 -2.64 14.33
C GLN E 222 20.89 -2.25 15.67
N ARG E 223 21.26 -2.98 16.72
CA ARG E 223 20.84 -2.66 18.10
C ARG E 223 22.05 -2.91 18.99
N GLU E 224 22.70 -1.82 19.43
CA GLU E 224 23.90 -1.89 20.27
C GLU E 224 24.99 -2.72 19.60
N SER E 225 25.09 -2.60 18.28
CA SER E 225 26.00 -3.41 17.48
C SER E 225 26.96 -2.52 16.70
N GLN E 226 27.92 -3.16 16.04
CA GLN E 226 28.93 -2.45 15.27
C GLN E 226 29.13 -3.15 13.94
N ALA E 227 29.26 -2.35 12.87
CA ALA E 227 29.56 -2.86 11.54
C ALA E 227 30.72 -2.08 10.95
N TYR E 228 31.72 -2.79 10.46
CA TYR E 228 32.92 -2.17 9.89
C TYR E 228 33.06 -2.61 8.44
N TYR E 229 33.13 -1.64 7.54
CA TYR E 229 33.23 -1.92 6.11
C TYR E 229 34.59 -1.46 5.57
C1 NAG F . 12.23 5.84 -16.50
C2 NAG F . 12.44 4.84 -17.69
C3 NAG F . 11.10 4.24 -18.17
C4 NAG F . 10.22 3.78 -17.01
C5 NAG F . 10.06 4.93 -16.04
C6 NAG F . 9.22 4.61 -14.84
C7 NAG F . 14.40 5.42 -19.07
C8 NAG F . 15.17 4.48 -18.19
N2 NAG F . 13.09 5.53 -18.77
O3 NAG F . 11.35 3.17 -19.06
O4 NAG F . 8.94 3.33 -17.44
O5 NAG F . 11.37 5.26 -15.53
O6 NAG F . 9.54 5.48 -13.76
O7 NAG F . 14.92 6.04 -19.98
C1 NAG G . 51.51 13.04 -42.21
C2 NAG G . 52.86 13.42 -41.65
C3 NAG G . 53.73 13.98 -42.75
C4 NAG G . 53.78 13.03 -43.94
C5 NAG G . 52.39 12.50 -44.33
C6 NAG G . 52.48 11.33 -45.29
C7 NAG G . 53.56 14.31 -39.49
C8 NAG G . 53.31 15.32 -38.42
N2 NAG G . 52.75 14.35 -40.54
O3 NAG G . 55.05 14.20 -42.25
O4 NAG G . 54.31 13.73 -45.05
O5 NAG G . 51.66 12.03 -43.18
O6 NAG G . 52.40 11.77 -46.63
O7 NAG G . 54.47 13.49 -39.40
C1 NAG H . 11.35 10.57 -16.69
C2 NAG H . 11.57 9.57 -17.87
C3 NAG H . 10.23 8.99 -18.36
C4 NAG H . 9.35 8.52 -17.20
C5 NAG H . 9.18 9.66 -16.24
C6 NAG H . 8.34 9.33 -15.04
C7 NAG H . 13.53 10.15 -19.24
C8 NAG H . 14.31 9.22 -18.36
N2 NAG H . 12.23 10.28 -18.96
O3 NAG H . 10.49 7.90 -19.25
O4 NAG H . 8.08 8.07 -17.65
O5 NAG H . 10.47 10.00 -15.73
O6 NAG H . 8.65 10.20 -13.96
O7 NAG H . 14.06 10.77 -20.16
C1 NAG I . 50.75 17.83 -42.19
C2 NAG I . 52.10 18.20 -41.63
C3 NAG I . 52.98 18.78 -42.73
C4 NAG I . 53.02 17.84 -43.92
C5 NAG I . 51.64 17.28 -44.31
C6 NAG I . 51.74 16.12 -45.26
C7 NAG I . 52.80 19.10 -39.46
C8 NAG I . 52.54 20.11 -38.38
N2 NAG I . 51.98 19.13 -40.52
O3 NAG I . 54.29 18.98 -42.23
O4 NAG I . 53.53 18.56 -45.04
O5 NAG I . 50.91 16.82 -43.16
O6 NAG I . 51.68 16.56 -46.61
O7 NAG I . 53.70 18.28 -39.37
C1 NAG J . 13.09 1.11 -16.29
C2 NAG J . 13.29 0.12 -17.48
C3 NAG J . 11.95 -0.48 -17.95
C4 NAG J . 11.09 -0.94 -16.78
C5 NAG J . 10.93 0.22 -15.81
C6 NAG J . 10.08 -0.10 -14.61
C7 NAG J . 15.25 0.70 -18.86
C8 NAG J . 16.02 -0.25 -17.99
N2 NAG J . 13.94 0.81 -18.57
O3 NAG J . 12.20 -1.56 -18.84
O4 NAG J . 9.80 -1.39 -17.21
O5 NAG J . 12.23 0.54 -15.33
O6 NAG J . 10.41 0.76 -13.54
O7 NAG J . 15.77 1.30 -19.79
C1 NAG K . 52.24 8.26 -42.22
C2 NAG K . 53.59 8.62 -41.66
C3 NAG K . 54.47 9.19 -42.76
C4 NAG K . 54.51 8.23 -43.95
C5 NAG K . 53.12 7.69 -44.33
C6 NAG K . 53.20 6.53 -45.29
C7 NAG K . 54.32 9.53 -39.50
C8 NAG K . 54.06 10.55 -38.43
N2 NAG K . 53.49 9.56 -40.55
O3 NAG K . 55.78 9.40 -42.28
O4 NAG K . 55.03 8.93 -45.07
O5 NAG K . 52.40 7.24 -43.17
O6 NAG K . 53.12 6.96 -46.64
O7 NAG K . 55.22 8.71 -39.41
C1 NAG L . 10.47 15.37 -16.87
C2 NAG L . 10.68 14.38 -18.06
C3 NAG L . 9.36 13.79 -18.55
C4 NAG L . 8.48 13.32 -17.40
C5 NAG L . 8.30 14.47 -16.44
C6 NAG L . 7.44 14.14 -15.24
C7 NAG L . 12.66 14.97 -19.41
C8 NAG L . 13.43 14.03 -18.54
N2 NAG L . 11.36 15.08 -19.14
O3 NAG L . 9.63 12.72 -19.45
O4 NAG L . 7.20 12.87 -17.86
O5 NAG L . 9.59 14.80 -15.92
O6 NAG L . 7.75 15.00 -14.16
O7 NAG L . 13.19 15.59 -20.33
C1 NAG M . 49.99 22.72 -42.16
C2 NAG M . 51.34 23.09 -41.59
C3 NAG M . 52.21 23.68 -42.68
C4 NAG M . 52.27 22.75 -43.88
C5 NAG M . 50.90 22.17 -44.27
C6 NAG M . 51.02 21.00 -45.21
C7 NAG M . 52.02 23.97 -39.41
C8 NAG M . 51.75 24.99 -38.34
N2 NAG M . 51.21 24.02 -40.48
O3 NAG M . 53.53 23.89 -42.17
O4 NAG M . 52.76 23.49 -44.99
O5 NAG M . 50.17 21.70 -43.12
O6 NAG M . 50.95 21.41 -46.58
O7 NAG M . 52.93 23.16 -39.32
C1 NAG N . 13.96 -3.62 -16.09
C2 NAG N . 14.16 -4.62 -17.26
C3 NAG N . 12.81 -5.21 -17.74
C4 NAG N . 11.95 -5.68 -16.56
C5 NAG N . 11.80 -4.52 -15.60
C6 NAG N . 10.97 -4.84 -14.38
C7 NAG N . 16.11 -4.05 -18.67
C8 NAG N . 16.89 -4.98 -17.80
N2 NAG N . 14.80 -3.92 -18.37
O3 NAG N . 13.06 -6.29 -18.62
O4 NAG N . 10.67 -6.12 -16.99
O5 NAG N . 13.11 -4.19 -15.10
O6 NAG N . 11.30 -3.96 -13.31
O7 NAG N . 16.62 -3.43 -19.60
C1 NAG O . 52.99 3.46 -42.21
C2 NAG O . 54.35 3.83 -41.65
C3 NAG O . 55.22 4.40 -42.76
C4 NAG O . 55.26 3.44 -43.95
C5 NAG O . 53.88 2.88 -44.32
C6 NAG O . 53.98 1.69 -45.25
C7 NAG O . 55.07 4.73 -39.50
C8 NAG O . 54.84 5.75 -38.43
N2 NAG O . 54.24 4.77 -40.56
O3 NAG O . 56.54 4.62 -42.28
O4 NAG O . 55.76 4.14 -45.08
O5 NAG O . 53.15 2.43 -43.16
O6 NAG O . 53.87 2.09 -46.62
O7 NAG O . 55.98 3.91 -39.43
#